data_5FNO
#
_entry.id   5FNO
#
_cell.length_a   70.725
_cell.length_b   111.374
_cell.length_c   171.224
_cell.angle_alpha   90.00
_cell.angle_beta   90.00
_cell.angle_gamma   90.00
#
_symmetry.space_group_name_H-M   'P 21 21 21'
#
loop_
_entity.id
_entity.type
_entity.pdbx_description
1 polymer 'MANGANESE LIPOXYGENASE'
2 branched 2-acetamido-2-deoxy-beta-D-glucopyranose-(1-4)-2-acetamido-2-deoxy-beta-D-glucopyranose
3 non-polymer 'MANGANESE (II) ION'
4 non-polymer 2-acetamido-2-deoxy-beta-D-glucopyranose
5 water water
#
_entity_poly.entity_id   1
_entity_poly.type   'polypeptide(L)'
_entity_poly.pdbx_seq_one_letter_code
;EFVPSSSYRVAVAARADNTSASVAPSQNVSGAAPPELVVYTLPCEDGNSTARTAEIRLKQATLLYGPSLLGNASYFPGGP
LGDAISLRDQTVWEGAAVVQSLRAFTDAAKVAANIKQNGGLNSLDDFKVLYQDGWKGSVPQGIARGQSENYTSDLLFSME
RLSVNPYILKRLHPTEDALPFQVDRATVKQLTKTSLKALHAAGRLFVADHSYQRNYTRLANRYSAACTALFYLDPRSNQF
LPLAIKTNVGADLTYTPLDTDNNNWLLAKIMFNNNDLFHGQIFHVAYPHAIAEIVHLAALRTMSARHPVLALMERLMYQA
YAVRPLGERVLFNKGGLFEQNFAYPQDMVYKFVGDSYPTTGRWRAGYLDTDVRARGLVDADYGPELPHFPFYEDGSRLVE
VIRRFVRSFVDATYHESDEMVAKDAELQAWVAEANGPAGVEDFEPGPLDTRERLVEVLTHMAWLTGCAHHVLNQGEPVTA
SGVLPMHPTALYAPVPTSKANTTADLLGYLPSAQKSVDQVTLLARFNRPDVVPTNQTLRYMFAAPQLLLGNGEAYRRANQ
RFVRAMGRISDEVKARRFDDRGLSQGMPFIWQALDPGNIPFYLSV
;
_entity_poly.pdbx_strand_id   A,B
#
loop_
_chem_comp.id
_chem_comp.type
_chem_comp.name
_chem_comp.formula
MN non-polymer 'MANGANESE (II) ION' 'Mn 2'
NAG D-saccharide, beta linking 2-acetamido-2-deoxy-beta-D-glucopyranose 'C8 H15 N O6'
#
# COMPACT_ATOMS: atom_id res chain seq x y z
N VAL A 38 13.11 38.08 -7.50
CA VAL A 38 11.69 37.80 -7.24
C VAL A 38 11.51 36.92 -5.99
N VAL A 39 11.11 37.54 -4.89
CA VAL A 39 10.65 36.82 -3.71
C VAL A 39 9.15 36.64 -3.83
N TYR A 40 8.68 35.40 -3.76
CA TYR A 40 7.28 35.15 -4.04
C TYR A 40 6.42 35.55 -2.84
N THR A 41 5.22 36.05 -3.14
CA THR A 41 4.32 36.50 -2.08
C THR A 41 2.89 36.01 -2.32
N LEU A 42 2.23 35.62 -1.24
CA LEU A 42 0.78 35.53 -1.23
C LEU A 42 0.22 36.93 -1.45
N PRO A 43 -1.04 37.04 -1.89
CA PRO A 43 -1.63 38.38 -2.10
C PRO A 43 -1.61 39.25 -0.85
N CYS A 44 -1.89 38.69 0.33
CA CYS A 44 -1.94 39.50 1.54
C CYS A 44 -0.55 39.94 2.01
N GLU A 45 0.52 39.31 1.52
CA GLU A 45 1.89 39.72 1.84
C GLU A 45 2.45 40.77 0.88
N ASP A 46 1.74 41.07 -0.20
CA ASP A 46 2.27 41.92 -1.28
C ASP A 46 1.75 43.34 -1.10
N GLY A 47 2.68 44.29 -0.82
CA GLY A 47 2.29 45.67 -0.70
C GLY A 47 2.14 46.42 -2.02
N ASN A 48 2.34 45.71 -3.13
CA ASN A 48 2.42 46.18 -4.51
C ASN A 48 1.21 45.60 -5.26
N SER A 49 0.05 45.60 -4.60
CA SER A 49 -1.03 44.66 -4.91
C SER A 49 -2.02 45.17 -5.95
N THR A 50 -2.20 46.49 -6.09
CA THR A 50 -3.07 46.98 -7.14
C THR A 50 -2.48 46.69 -8.52
N ALA A 51 -1.17 46.90 -8.67
CA ALA A 51 -0.50 46.54 -9.91
C ALA A 51 -0.51 45.02 -10.12
N ARG A 52 -0.34 44.26 -9.04
CA ARG A 52 -0.44 42.81 -9.13
C ARG A 52 -1.77 42.37 -9.74
N THR A 53 -2.87 42.90 -9.20
CA THR A 53 -4.19 42.52 -9.72
C THR A 53 -4.41 43.03 -11.14
N ALA A 54 -3.92 44.23 -11.44
CA ALA A 54 -4.01 44.74 -12.80
C ALA A 54 -3.32 43.80 -13.79
N GLU A 55 -2.15 43.28 -13.40
CA GLU A 55 -1.43 42.31 -14.22
C GLU A 55 -2.27 41.07 -14.47
N ILE A 56 -2.95 40.58 -13.43
CA ILE A 56 -3.80 39.39 -13.61
C ILE A 56 -4.96 39.68 -14.57
N ARG A 57 -5.59 40.86 -14.46
CA ARG A 57 -6.64 41.22 -15.41
C ARG A 57 -6.12 41.32 -16.85
N LEU A 58 -4.87 41.75 -17.02
CA LEU A 58 -4.31 41.77 -18.37
C LEU A 58 -4.12 40.36 -18.91
N LYS A 59 -3.60 39.45 -18.06
CA LYS A 59 -3.53 38.05 -18.47
C LYS A 59 -4.91 37.53 -18.86
N GLN A 60 -5.92 37.87 -18.06
CA GLN A 60 -7.27 37.40 -18.37
C GLN A 60 -7.78 37.95 -19.68
N ALA A 61 -7.34 39.14 -20.08
CA ALA A 61 -7.75 39.65 -21.39
C ALA A 61 -6.97 39.02 -22.54
N THR A 62 -5.75 38.52 -22.29
CA THR A 62 -4.89 38.08 -23.38
C THR A 62 -4.62 36.57 -23.41
N LEU A 63 -4.96 35.84 -22.36
CA LEU A 63 -4.74 34.39 -22.27
C LEU A 63 -6.10 33.70 -22.19
N LEU A 64 -6.51 33.10 -23.30
CA LEU A 64 -7.89 32.67 -23.50
C LEU A 64 -7.97 31.14 -23.56
N TYR A 65 -9.19 30.63 -23.42
CA TYR A 65 -9.49 29.22 -23.64
C TYR A 65 -9.75 28.99 -25.13
N GLY A 66 -8.75 28.48 -25.84
CA GLY A 66 -8.90 28.12 -27.24
C GLY A 66 -9.27 26.65 -27.45
N PRO A 67 -9.59 26.31 -28.69
CA PRO A 67 -10.10 24.96 -28.99
C PRO A 67 -9.15 23.86 -28.57
N SER A 68 -9.73 22.72 -28.20
CA SER A 68 -8.93 21.57 -27.82
C SER A 68 -8.16 21.04 -29.01
N LEU A 69 -6.92 20.62 -28.77
CA LEU A 69 -6.10 19.98 -29.80
C LEU A 69 -6.10 18.47 -29.62
N LEU A 70 -5.98 17.76 -30.75
CA LEU A 70 -5.96 16.30 -30.82
C LEU A 70 -7.29 15.66 -30.41
N GLY A 71 -8.40 16.32 -30.68
CA GLY A 71 -9.71 15.76 -30.38
C GLY A 71 -10.43 16.57 -29.32
N ASN A 72 -11.55 16.02 -28.84
CA ASN A 72 -12.38 16.72 -27.87
C ASN A 72 -11.86 16.39 -26.46
N ALA A 73 -10.81 17.10 -26.07
CA ALA A 73 -10.32 17.02 -24.69
C ALA A 73 -10.45 18.39 -24.03
N SER A 74 -9.38 18.87 -23.40
CA SER A 74 -9.40 20.14 -22.71
C SER A 74 -8.99 21.29 -23.63
N TYR A 75 -9.47 22.49 -23.29
CA TYR A 75 -9.06 23.70 -24.00
C TYR A 75 -7.54 23.82 -24.00
N PHE A 76 -7.03 24.51 -25.02
CA PHE A 76 -5.62 24.82 -25.21
C PHE A 76 -5.43 26.33 -25.18
N PRO A 77 -4.32 26.84 -24.66
CA PRO A 77 -4.17 28.29 -24.51
C PRO A 77 -4.30 29.02 -25.83
N GLY A 78 -5.11 30.07 -25.84
CA GLY A 78 -5.29 30.92 -27.00
C GLY A 78 -5.14 32.38 -26.66
N GLY A 79 -5.48 33.25 -27.60
CA GLY A 79 -5.23 34.67 -27.45
C GLY A 79 -3.77 34.96 -27.68
N PRO A 80 -3.39 36.25 -27.65
CA PRO A 80 -1.99 36.60 -27.90
C PRO A 80 -1.03 35.99 -26.89
N LEU A 81 -1.39 36.03 -25.61
CA LEU A 81 -0.53 35.47 -24.58
C LEU A 81 -0.50 33.93 -24.65
N GLY A 82 -1.64 33.30 -24.90
CA GLY A 82 -1.64 31.85 -25.05
C GLY A 82 -0.81 31.38 -26.22
N ASP A 83 -0.92 32.08 -27.36
CA ASP A 83 -0.07 31.78 -28.50
C ASP A 83 1.41 31.98 -28.15
N ALA A 84 1.73 33.06 -27.43
CA ALA A 84 3.15 33.29 -27.10
C ALA A 84 3.69 32.24 -26.13
N ILE A 85 2.86 31.77 -25.20
CA ILE A 85 3.29 30.72 -24.27
C ILE A 85 3.55 29.43 -25.03
N SER A 86 2.60 29.05 -25.90
CA SER A 86 2.77 27.86 -26.73
C SER A 86 4.03 27.96 -27.58
N LEU A 87 4.24 29.13 -28.20
CA LEU A 87 5.40 29.29 -29.09
C LEU A 87 6.69 29.23 -28.30
N ARG A 88 6.74 29.89 -27.14
CA ARG A 88 7.91 29.79 -26.26
C ARG A 88 8.24 28.34 -25.96
N ASP A 89 7.24 27.56 -25.55
CA ASP A 89 7.47 26.15 -25.20
C ASP A 89 7.98 25.37 -26.41
N GLN A 90 7.32 25.51 -27.56
CA GLN A 90 7.76 24.82 -28.78
C GLN A 90 9.20 25.16 -29.13
N THR A 91 9.56 26.44 -29.00
CA THR A 91 10.89 26.89 -29.36
C THR A 91 11.94 26.29 -28.43
N VAL A 92 11.66 26.22 -27.13
CA VAL A 92 12.64 25.58 -26.24
C VAL A 92 12.76 24.10 -26.56
N TRP A 93 11.63 23.45 -26.82
CA TRP A 93 11.58 22.01 -27.05
C TRP A 93 12.37 21.62 -28.31
N GLU A 94 12.39 22.52 -29.30
CA GLU A 94 13.01 22.19 -30.59
C GLU A 94 14.46 21.75 -30.45
N GLY A 95 15.23 22.40 -29.59
CA GLY A 95 16.66 22.10 -29.51
C GLY A 95 16.98 20.68 -29.12
N ALA A 96 16.42 20.24 -27.98
CA ALA A 96 16.64 18.86 -27.55
C ALA A 96 16.02 17.88 -28.55
N ALA A 97 14.91 18.27 -29.21
CA ALA A 97 14.31 17.36 -30.18
C ALA A 97 15.24 17.15 -31.37
N VAL A 98 15.86 18.22 -31.87
CA VAL A 98 16.80 18.10 -32.99
C VAL A 98 17.99 17.22 -32.59
N VAL A 99 18.62 17.55 -31.45
CA VAL A 99 19.78 16.77 -31.01
C VAL A 99 19.42 15.29 -30.91
N GLN A 100 18.27 15.00 -30.27
CA GLN A 100 17.90 13.61 -30.05
C GLN A 100 17.58 12.89 -31.36
N SER A 101 16.95 13.58 -32.31
CA SER A 101 16.64 12.89 -33.55
C SER A 101 17.92 12.54 -34.30
N LEU A 102 18.89 13.46 -34.32
CA LEU A 102 20.18 13.13 -34.94
C LEU A 102 20.82 11.91 -34.28
N ARG A 103 20.77 11.85 -32.94
CA ARG A 103 21.26 10.66 -32.24
C ARG A 103 20.53 9.40 -32.71
N ALA A 104 19.20 9.46 -32.76
CA ALA A 104 18.41 8.28 -33.13
C ALA A 104 18.74 7.82 -34.55
N PHE A 105 19.00 8.76 -35.45
CA PHE A 105 19.27 8.33 -36.82
C PHE A 105 20.67 7.72 -36.94
N THR A 106 21.65 8.28 -36.22
CA THR A 106 22.96 7.62 -36.14
C THR A 106 22.81 6.17 -35.64
N ASP A 107 22.13 6.01 -34.50
CA ASP A 107 21.92 4.67 -33.96
C ASP A 107 21.20 3.78 -34.96
N ALA A 108 20.24 4.34 -35.70
CA ALA A 108 19.46 3.55 -36.64
C ALA A 108 20.33 3.01 -37.75
N ALA A 109 21.19 3.87 -38.31
CA ALA A 109 22.09 3.41 -39.37
C ALA A 109 23.00 2.30 -38.87
N LYS A 110 23.54 2.44 -37.65
CA LYS A 110 24.35 1.35 -37.09
C LYS A 110 23.56 0.04 -37.04
N VAL A 111 22.37 0.08 -36.43
CA VAL A 111 21.58 -1.14 -36.23
C VAL A 111 21.19 -1.77 -37.56
N ALA A 112 20.88 -0.94 -38.55
CA ALA A 112 20.52 -1.46 -39.87
C ALA A 112 21.73 -2.11 -40.56
N ALA A 113 22.92 -1.53 -40.38
CA ALA A 113 24.12 -2.22 -40.85
C ALA A 113 24.21 -3.61 -40.25
N ASN A 114 23.96 -3.71 -38.93
CA ASN A 114 24.11 -5.01 -38.28
C ASN A 114 23.02 -5.99 -38.69
N ILE A 115 21.78 -5.53 -38.93
CA ILE A 115 20.77 -6.45 -39.45
C ILE A 115 21.16 -6.90 -40.84
N LYS A 116 21.87 -6.06 -41.59
CA LYS A 116 22.31 -6.49 -42.92
C LYS A 116 23.37 -7.58 -42.83
N GLN A 117 24.36 -7.40 -41.95
CA GLN A 117 25.39 -8.44 -41.79
C GLN A 117 24.80 -9.76 -41.30
N ASN A 118 23.74 -9.71 -40.49
CA ASN A 118 23.07 -10.94 -40.05
C ASN A 118 22.17 -11.54 -41.12
N GLY A 119 22.03 -10.88 -42.27
CA GLY A 119 21.19 -11.39 -43.33
C GLY A 119 19.71 -11.12 -43.18
N GLY A 120 19.35 -10.07 -42.43
CA GLY A 120 17.96 -9.68 -42.30
C GLY A 120 17.27 -10.30 -41.10
N LEU A 121 15.96 -10.15 -41.08
CA LEU A 121 15.10 -10.64 -40.02
C LEU A 121 14.23 -11.75 -40.62
N ASN A 122 14.72 -12.98 -40.55
CA ASN A 122 14.03 -14.14 -41.10
C ASN A 122 13.55 -15.10 -40.01
N SER A 123 13.70 -14.72 -38.73
CA SER A 123 13.17 -15.49 -37.63
C SER A 123 12.72 -14.52 -36.54
N LEU A 124 12.06 -15.04 -35.53
CA LEU A 124 11.73 -14.23 -34.37
C LEU A 124 12.98 -13.88 -33.57
N ASP A 125 13.82 -14.88 -33.32
CA ASP A 125 15.04 -14.67 -32.55
C ASP A 125 16.07 -13.84 -33.29
N ASP A 126 15.86 -13.56 -34.57
CA ASP A 126 16.71 -12.61 -35.28
C ASP A 126 16.50 -11.19 -34.78
N PHE A 127 15.32 -10.90 -34.21
CA PHE A 127 15.00 -9.52 -33.82
C PHE A 127 15.91 -8.99 -32.73
N LYS A 128 16.63 -9.88 -32.04
CA LYS A 128 17.61 -9.41 -31.07
C LYS A 128 18.65 -8.51 -31.72
N VAL A 129 18.97 -8.77 -32.99
CA VAL A 129 19.94 -7.94 -33.70
C VAL A 129 19.45 -6.52 -33.87
N LEU A 130 18.13 -6.31 -33.74
CA LEU A 130 17.57 -4.97 -33.74
C LEU A 130 18.04 -4.15 -32.53
N TYR A 131 18.41 -4.82 -31.43
CA TYR A 131 18.78 -4.11 -30.22
C TYR A 131 20.19 -4.39 -29.72
N GLN A 132 20.79 -5.54 -30.07
CA GLN A 132 22.09 -5.90 -29.53
C GLN A 132 23.12 -4.82 -29.84
N ASP A 133 23.70 -4.24 -28.79
CA ASP A 133 24.79 -3.28 -28.88
C ASP A 133 24.42 -2.01 -29.65
N GLY A 134 23.13 -1.70 -29.75
CA GLY A 134 22.66 -0.55 -30.50
C GLY A 134 21.98 0.47 -29.60
N TRP A 135 21.63 1.60 -30.22
CA TRP A 135 20.85 2.65 -29.56
C TRP A 135 21.58 3.24 -28.35
N LYS A 136 22.91 3.25 -28.40
CA LYS A 136 23.68 3.75 -27.26
C LYS A 136 23.60 5.26 -27.14
N GLY A 137 23.42 5.97 -28.27
CA GLY A 137 23.31 7.41 -28.25
C GLY A 137 21.93 7.91 -27.84
N SER A 138 20.88 7.36 -28.45
CA SER A 138 19.53 7.83 -28.21
C SER A 138 18.86 7.16 -27.01
N VAL A 139 19.19 5.92 -26.72
CA VAL A 139 18.63 5.22 -25.58
C VAL A 139 19.78 4.67 -24.73
N PRO A 140 20.55 5.53 -24.05
CA PRO A 140 21.73 5.04 -23.33
C PRO A 140 21.40 4.17 -22.12
N GLN A 141 20.18 4.25 -21.56
CA GLN A 141 19.81 3.30 -20.52
C GLN A 141 19.60 1.89 -21.05
N GLY A 142 19.62 1.70 -22.37
CA GLY A 142 19.41 0.40 -22.97
C GLY A 142 17.97 -0.10 -22.88
N ILE A 143 17.63 -1.12 -23.67
CA ILE A 143 16.32 -1.75 -23.58
C ILE A 143 16.22 -2.48 -22.24
N ALA A 144 15.01 -2.54 -21.69
CA ALA A 144 14.81 -3.19 -20.40
C ALA A 144 15.30 -4.64 -20.47
N ARG A 145 16.24 -4.99 -19.58
CA ARG A 145 16.85 -6.31 -19.60
C ARG A 145 15.79 -7.39 -19.41
N GLY A 146 15.83 -8.42 -20.25
CA GLY A 146 14.87 -9.49 -20.19
C GLY A 146 13.78 -9.42 -21.22
N GLN A 147 13.52 -8.24 -21.78
CA GLN A 147 12.45 -8.09 -22.77
C GLN A 147 12.72 -8.97 -23.98
N SER A 148 13.90 -8.80 -24.59
CA SER A 148 14.22 -9.57 -25.79
C SER A 148 14.56 -11.02 -25.43
N GLU A 149 15.25 -11.22 -24.31
CA GLU A 149 15.71 -12.56 -23.95
C GLU A 149 14.55 -13.48 -23.55
N ASN A 150 13.49 -12.93 -22.95
CA ASN A 150 12.42 -13.75 -22.40
C ASN A 150 11.09 -13.47 -23.08
N TYR A 151 11.11 -13.16 -24.39
CA TYR A 151 9.95 -12.55 -25.03
C TYR A 151 8.77 -13.50 -25.17
N THR A 152 8.97 -14.81 -25.04
CA THR A 152 7.86 -15.75 -25.11
C THR A 152 7.19 -15.99 -23.76
N SER A 153 7.72 -15.42 -22.68
CA SER A 153 7.21 -15.68 -21.34
C SER A 153 5.77 -15.19 -21.20
N ASP A 154 4.89 -16.08 -20.75
CA ASP A 154 3.53 -15.67 -20.41
C ASP A 154 3.53 -14.71 -19.23
N LEU A 155 4.40 -14.95 -18.24
CA LEU A 155 4.42 -14.11 -17.05
C LEU A 155 4.88 -12.68 -17.39
N LEU A 156 5.83 -12.55 -18.32
CA LEU A 156 6.19 -11.22 -18.81
C LEU A 156 4.99 -10.54 -19.46
N PHE A 157 4.28 -11.26 -20.33
CA PHE A 157 3.13 -10.69 -21.01
C PHE A 157 2.07 -10.21 -20.02
N SER A 158 1.75 -11.02 -19.01
CA SER A 158 0.73 -10.60 -18.06
C SER A 158 1.23 -9.47 -17.16
N MET A 159 2.48 -9.55 -16.70
CA MET A 159 2.97 -8.53 -15.77
C MET A 159 3.18 -7.18 -16.46
N GLU A 160 3.23 -7.14 -17.79
CA GLU A 160 3.26 -5.83 -18.44
C GLU A 160 1.98 -5.04 -18.18
N ARG A 161 0.87 -5.73 -17.93
CA ARG A 161 -0.36 -5.03 -17.59
C ARG A 161 -0.34 -4.46 -16.17
N LEU A 162 0.70 -4.76 -15.40
CA LEU A 162 0.89 -4.23 -14.04
C LEU A 162 2.11 -3.34 -13.94
N SER A 163 2.66 -2.91 -15.09
CA SER A 163 3.91 -2.15 -15.12
C SER A 163 3.95 -1.19 -16.31
N VAL A 164 4.23 -1.70 -17.51
CA VAL A 164 4.52 -0.80 -18.63
C VAL A 164 3.27 -0.07 -19.13
N ASN A 165 2.09 -0.71 -19.07
CA ASN A 165 0.83 0.02 -19.24
C ASN A 165 -0.17 -0.46 -18.20
N PRO A 166 -0.15 0.15 -17.03
CA PRO A 166 -1.01 -0.31 -15.94
C PRO A 166 -2.36 0.38 -15.91
N TYR A 167 -2.78 1.02 -17.01
CA TYR A 167 -3.96 1.86 -16.99
C TYR A 167 -5.17 1.27 -17.73
N ILE A 168 -5.16 -0.04 -18.02
CA ILE A 168 -6.29 -0.68 -18.70
C ILE A 168 -6.89 -1.80 -17.85
N LEU A 169 -6.08 -2.51 -17.09
CA LEU A 169 -6.55 -3.72 -16.41
C LEU A 169 -7.57 -3.38 -15.33
N LYS A 170 -8.53 -4.28 -15.13
CA LYS A 170 -9.42 -4.17 -13.99
C LYS A 170 -9.80 -5.56 -13.50
N ARG A 171 -10.01 -5.68 -12.20
CA ARG A 171 -10.48 -6.94 -11.64
C ARG A 171 -11.97 -7.11 -11.94
N LEU A 172 -12.38 -8.35 -12.19
CA LEU A 172 -13.78 -8.67 -12.43
C LEU A 172 -14.51 -8.87 -11.10
N HIS A 173 -15.55 -8.09 -10.87
CA HIS A 173 -16.32 -8.24 -9.64
C HIS A 173 -17.13 -9.54 -9.72
N PRO A 174 -17.22 -10.31 -8.62
CA PRO A 174 -17.90 -11.61 -8.68
C PRO A 174 -19.33 -11.52 -9.19
N THR A 175 -20.09 -10.53 -8.75
CA THR A 175 -21.50 -10.45 -9.12
C THR A 175 -21.83 -9.29 -10.05
N GLU A 176 -21.10 -8.19 -9.96
CA GLU A 176 -21.41 -7.01 -10.76
C GLU A 176 -20.77 -7.04 -12.14
N ASP A 177 -19.83 -7.94 -12.40
CA ASP A 177 -19.22 -8.09 -13.72
C ASP A 177 -19.51 -9.47 -14.26
N ALA A 178 -19.95 -9.54 -15.51
CA ALA A 178 -20.03 -10.82 -16.18
C ALA A 178 -18.66 -11.22 -16.73
N LEU A 179 -18.54 -12.46 -17.16
CA LEU A 179 -17.32 -12.84 -17.86
C LEU A 179 -17.29 -12.15 -19.23
N PRO A 180 -16.13 -11.66 -19.67
CA PRO A 180 -16.08 -10.92 -20.94
C PRO A 180 -16.40 -11.79 -22.14
N PHE A 181 -16.13 -13.10 -22.06
CA PHE A 181 -16.42 -14.05 -23.12
C PHE A 181 -16.28 -15.45 -22.51
N GLN A 182 -16.77 -16.44 -23.24
CA GLN A 182 -16.68 -17.82 -22.78
C GLN A 182 -15.38 -18.47 -23.25
N VAL A 183 -14.94 -19.48 -22.51
CA VAL A 183 -13.75 -20.25 -22.86
C VAL A 183 -14.07 -21.72 -22.65
N ASP A 184 -13.50 -22.58 -23.51
CA ASP A 184 -13.73 -24.01 -23.47
C ASP A 184 -13.45 -24.58 -22.09
N ARG A 185 -14.49 -25.20 -21.49
CA ARG A 185 -14.40 -25.69 -20.12
C ARG A 185 -13.22 -26.65 -19.93
N ALA A 186 -13.00 -27.54 -20.89
CA ALA A 186 -11.87 -28.47 -20.80
C ALA A 186 -10.55 -27.73 -20.85
N THR A 187 -10.43 -26.78 -21.78
CA THR A 187 -9.24 -25.95 -21.88
C THR A 187 -8.97 -25.22 -20.57
N VAL A 188 -9.99 -24.55 -20.02
CA VAL A 188 -9.82 -23.84 -18.75
C VAL A 188 -9.36 -24.78 -17.65
N LYS A 189 -9.90 -26.00 -17.61
CA LYS A 189 -9.57 -26.87 -16.50
C LYS A 189 -8.15 -27.40 -16.62
N GLN A 190 -7.72 -27.74 -17.84
CA GLN A 190 -6.32 -28.12 -18.02
C GLN A 190 -5.39 -26.97 -17.63
N LEU A 191 -5.75 -25.74 -18.01
CA LEU A 191 -4.88 -24.60 -17.74
C LEU A 191 -4.80 -24.29 -16.24
N THR A 192 -5.94 -24.32 -15.54
CA THR A 192 -6.04 -23.77 -14.20
C THR A 192 -6.33 -24.81 -13.12
N LYS A 193 -6.77 -26.01 -13.48
CA LYS A 193 -7.26 -27.04 -12.56
C LYS A 193 -8.50 -26.60 -11.80
N THR A 194 -9.16 -25.56 -12.29
CA THR A 194 -10.42 -25.10 -11.72
C THR A 194 -11.29 -24.62 -12.88
N SER A 195 -12.26 -23.76 -12.59
CA SER A 195 -13.20 -23.28 -13.59
C SER A 195 -13.23 -21.76 -13.57
N LEU A 196 -13.80 -21.20 -14.64
CA LEU A 196 -13.96 -19.74 -14.69
C LEU A 196 -14.98 -19.27 -13.66
N LYS A 197 -16.01 -20.07 -13.36
CA LYS A 197 -16.97 -19.65 -12.35
C LYS A 197 -16.34 -19.63 -10.96
N ALA A 198 -15.45 -20.59 -10.68
CA ALA A 198 -14.77 -20.61 -9.38
C ALA A 198 -13.80 -19.44 -9.27
N LEU A 199 -13.03 -19.16 -10.32
CA LEU A 199 -12.08 -18.06 -10.25
C LEU A 199 -12.82 -16.73 -10.19
N HIS A 200 -13.89 -16.61 -10.97
CA HIS A 200 -14.68 -15.38 -10.99
C HIS A 200 -15.32 -15.12 -9.63
N ALA A 201 -15.89 -16.17 -9.02
CA ALA A 201 -16.49 -16.03 -7.70
C ALA A 201 -15.46 -15.68 -6.64
N ALA A 202 -14.22 -16.14 -6.79
CA ALA A 202 -13.16 -15.82 -5.84
C ALA A 202 -12.49 -14.48 -6.12
N GLY A 203 -12.95 -13.72 -7.12
CA GLY A 203 -12.33 -12.44 -7.43
C GLY A 203 -10.92 -12.53 -7.95
N ARG A 204 -10.56 -13.63 -8.61
CA ARG A 204 -9.23 -13.85 -9.13
C ARG A 204 -9.10 -13.63 -10.62
N LEU A 205 -10.17 -13.23 -11.31
CA LEU A 205 -10.13 -12.94 -12.73
C LEU A 205 -9.96 -11.44 -12.97
N PHE A 206 -9.18 -11.10 -13.99
CA PHE A 206 -8.92 -9.73 -14.40
C PHE A 206 -9.08 -9.63 -15.92
N VAL A 207 -9.39 -8.43 -16.40
CA VAL A 207 -9.65 -8.22 -17.83
C VAL A 207 -8.96 -6.94 -18.28
N ALA A 208 -8.38 -6.99 -19.49
CA ALA A 208 -7.90 -5.82 -20.20
C ALA A 208 -8.61 -5.79 -21.55
N ASP A 209 -9.50 -4.81 -21.74
CA ASP A 209 -10.48 -4.82 -22.83
C ASP A 209 -10.17 -3.72 -23.85
N HIS A 210 -9.64 -4.11 -25.01
CA HIS A 210 -9.41 -3.18 -26.11
C HIS A 210 -10.43 -3.38 -27.24
N SER A 211 -11.63 -3.87 -26.92
CA SER A 211 -12.61 -4.14 -27.97
C SER A 211 -13.18 -2.87 -28.58
N TYR A 212 -13.01 -1.71 -27.92
CA TYR A 212 -13.42 -0.45 -28.52
C TYR A 212 -12.76 -0.21 -29.87
N GLN A 213 -11.65 -0.90 -30.16
CA GLN A 213 -10.96 -0.78 -31.43
C GLN A 213 -11.59 -1.62 -32.55
N ARG A 214 -12.70 -2.31 -32.28
CA ARG A 214 -13.25 -3.27 -33.23
C ARG A 214 -13.51 -2.62 -34.60
N ASN A 215 -14.25 -1.51 -34.61
CA ASN A 215 -14.69 -0.90 -35.85
C ASN A 215 -13.88 0.35 -36.20
N TYR A 216 -12.66 0.47 -35.68
CA TYR A 216 -11.77 1.54 -36.10
C TYR A 216 -11.42 1.40 -37.58
N THR A 217 -11.14 2.54 -38.20
CA THR A 217 -10.58 2.52 -39.55
C THR A 217 -9.12 2.07 -39.49
N ARG A 218 -8.74 1.18 -40.40
CA ARG A 218 -7.35 0.79 -40.53
C ARG A 218 -6.78 1.36 -41.82
N LEU A 219 -5.51 1.76 -41.77
CA LEU A 219 -4.82 2.21 -42.98
C LEU A 219 -4.62 1.03 -43.93
N ALA A 220 -4.56 1.35 -45.23
CA ALA A 220 -4.35 0.32 -46.23
C ALA A 220 -3.08 -0.47 -45.91
N ASN A 221 -3.17 -1.79 -46.06
CA ASN A 221 -2.07 -2.72 -45.78
C ASN A 221 -1.57 -2.59 -44.35
N ARG A 222 -2.47 -2.22 -43.43
CA ARG A 222 -2.25 -2.24 -42.00
C ARG A 222 -3.41 -2.96 -41.34
N TYR A 223 -3.13 -3.74 -40.29
CA TYR A 223 -4.17 -4.51 -39.65
C TYR A 223 -3.94 -4.56 -38.14
N SER A 224 -5.02 -4.86 -37.42
CA SER A 224 -5.01 -5.00 -35.97
C SER A 224 -6.31 -5.68 -35.56
N ALA A 225 -6.26 -6.37 -34.43
CA ALA A 225 -7.47 -6.91 -33.83
C ALA A 225 -8.08 -5.89 -32.89
N ALA A 226 -8.78 -6.35 -31.86
CA ALA A 226 -9.38 -5.50 -30.86
C ALA A 226 -9.51 -6.34 -29.59
N CYS A 227 -8.37 -6.83 -29.12
CA CYS A 227 -8.34 -7.95 -28.19
C CYS A 227 -8.94 -7.60 -26.84
N THR A 228 -9.65 -8.57 -26.25
CA THR A 228 -9.92 -8.61 -24.83
C THR A 228 -9.09 -9.75 -24.25
N ALA A 229 -8.22 -9.42 -23.30
CA ALA A 229 -7.41 -10.41 -22.62
C ALA A 229 -7.96 -10.67 -21.22
N LEU A 230 -8.03 -11.96 -20.87
CA LEU A 230 -8.46 -12.45 -19.58
C LEU A 230 -7.26 -13.05 -18.85
N PHE A 231 -7.06 -12.59 -17.62
CA PHE A 231 -5.96 -13.01 -16.75
C PHE A 231 -6.54 -13.56 -15.46
N TYR A 232 -5.70 -14.29 -14.72
CA TYR A 232 -6.12 -14.77 -13.42
C TYR A 232 -4.94 -14.80 -12.48
N LEU A 233 -5.24 -14.66 -11.19
CA LEU A 233 -4.25 -14.84 -10.13
C LEU A 233 -4.30 -16.32 -9.71
N ASP A 234 -3.30 -17.07 -10.11
CA ASP A 234 -3.36 -18.52 -9.98
C ASP A 234 -3.10 -18.93 -8.54
N PRO A 235 -4.04 -19.61 -7.87
CA PRO A 235 -3.81 -20.01 -6.48
C PRO A 235 -2.65 -20.97 -6.30
N ARG A 236 -2.25 -21.68 -7.37
CA ARG A 236 -1.19 -22.69 -7.26
C ARG A 236 0.19 -22.04 -7.18
N SER A 237 0.52 -21.22 -8.18
CA SER A 237 1.81 -20.55 -8.24
C SER A 237 1.81 -19.16 -7.59
N ASN A 238 0.64 -18.63 -7.24
CA ASN A 238 0.48 -17.26 -6.74
C ASN A 238 1.08 -16.23 -7.69
N GLN A 239 0.97 -16.49 -8.99
CA GLN A 239 1.41 -15.58 -10.03
C GLN A 239 0.20 -15.06 -10.79
N PHE A 240 0.27 -13.80 -11.22
CA PHE A 240 -0.73 -13.20 -12.10
C PHE A 240 -0.38 -13.60 -13.54
N LEU A 241 -1.25 -14.40 -14.17
CA LEU A 241 -0.93 -15.10 -15.40
C LEU A 241 -2.00 -14.86 -16.47
N PRO A 242 -1.63 -14.96 -17.74
CA PRO A 242 -2.62 -14.83 -18.81
C PRO A 242 -3.43 -16.11 -18.98
N LEU A 243 -4.69 -15.94 -19.35
CA LEU A 243 -5.60 -17.06 -19.50
C LEU A 243 -6.15 -17.19 -20.91
N ALA A 244 -6.64 -16.09 -21.50
CA ALA A 244 -7.25 -16.21 -22.82
C ALA A 244 -7.24 -14.84 -23.50
N ILE A 245 -7.23 -14.85 -24.84
CA ILE A 245 -7.26 -13.60 -25.61
C ILE A 245 -8.26 -13.77 -26.75
N LYS A 246 -9.24 -12.87 -26.82
CA LYS A 246 -10.25 -12.90 -27.88
C LYS A 246 -10.05 -11.69 -28.79
N THR A 247 -10.01 -11.92 -30.10
CA THR A 247 -9.65 -10.85 -31.02
C THR A 247 -10.76 -9.82 -31.19
N ASN A 248 -12.02 -10.24 -31.16
CA ASN A 248 -13.17 -9.37 -31.37
C ASN A 248 -13.23 -8.79 -32.78
N VAL A 249 -12.56 -9.41 -33.75
CA VAL A 249 -12.58 -8.96 -35.14
C VAL A 249 -12.73 -10.16 -36.06
N GLY A 250 -13.27 -9.90 -37.25
CA GLY A 250 -13.40 -10.91 -38.28
C GLY A 250 -14.04 -12.19 -37.79
N ALA A 251 -13.27 -13.27 -37.72
CA ALA A 251 -13.79 -14.55 -37.26
C ALA A 251 -14.00 -14.58 -35.75
N ASP A 252 -13.38 -13.64 -35.02
CA ASP A 252 -13.63 -13.44 -33.59
C ASP A 252 -13.22 -14.67 -32.78
N LEU A 253 -12.00 -15.12 -32.98
CA LEU A 253 -11.51 -16.35 -32.36
C LEU A 253 -10.92 -16.10 -30.97
N THR A 254 -10.92 -17.15 -30.16
CA THR A 254 -10.44 -17.09 -28.79
C THR A 254 -9.23 -17.99 -28.63
N TYR A 255 -8.14 -17.43 -28.09
CA TYR A 255 -6.84 -18.08 -27.94
C TYR A 255 -6.51 -18.32 -26.48
N THR A 256 -5.53 -19.20 -26.29
CA THR A 256 -5.18 -19.74 -24.99
C THR A 256 -3.78 -20.33 -25.08
N PRO A 257 -3.03 -20.39 -23.97
CA PRO A 257 -1.66 -20.96 -24.02
C PRO A 257 -1.57 -22.37 -24.58
N LEU A 258 -2.67 -23.11 -24.63
CA LEU A 258 -2.65 -24.44 -25.22
C LEU A 258 -2.60 -24.41 -26.74
N ASP A 259 -2.93 -23.28 -27.36
CA ASP A 259 -2.89 -23.16 -28.82
C ASP A 259 -1.44 -22.95 -29.27
N THR A 260 -0.65 -24.01 -29.15
CA THR A 260 0.74 -23.94 -29.58
C THR A 260 0.91 -24.14 -31.07
N ASP A 261 -0.09 -24.72 -31.74
CA ASP A 261 -0.01 -24.91 -33.18
C ASP A 261 0.08 -23.56 -33.90
N ASN A 262 0.90 -23.52 -34.95
CA ASN A 262 1.05 -22.36 -35.81
C ASN A 262 1.46 -21.10 -35.03
N ASN A 263 2.09 -21.28 -33.86
CA ASN A 263 2.43 -20.16 -32.98
C ASN A 263 1.22 -19.26 -32.76
N ASN A 264 0.06 -19.88 -32.54
CA ASN A 264 -1.17 -19.10 -32.40
C ASN A 264 -1.15 -18.26 -31.13
N TRP A 265 -0.95 -18.90 -29.97
CA TRP A 265 -0.94 -18.15 -28.72
C TRP A 265 0.08 -17.02 -28.77
N LEU A 266 1.31 -17.33 -29.17
CA LEU A 266 2.34 -16.32 -29.31
C LEU A 266 1.87 -15.16 -30.18
N LEU A 267 1.14 -15.46 -31.25
CA LEU A 267 0.64 -14.39 -32.11
C LEU A 267 -0.46 -13.60 -31.43
N ALA A 268 -1.35 -14.29 -30.70
CA ALA A 268 -2.43 -13.60 -29.99
C ALA A 268 -1.85 -12.54 -29.06
N LYS A 269 -0.87 -12.91 -28.24
CA LYS A 269 -0.16 -11.96 -27.40
C LYS A 269 0.32 -10.77 -28.23
N ILE A 270 0.98 -11.05 -29.37
CA ILE A 270 1.45 -9.97 -30.23
C ILE A 270 0.29 -9.05 -30.58
N MET A 271 -0.82 -9.62 -31.04
CA MET A 271 -1.97 -8.80 -31.39
C MET A 271 -2.40 -7.95 -30.20
N PHE A 272 -2.51 -8.57 -29.02
CA PHE A 272 -2.92 -7.80 -27.86
C PHE A 272 -1.94 -6.66 -27.60
N ASN A 273 -0.63 -6.96 -27.62
CA ASN A 273 0.34 -5.90 -27.33
C ASN A 273 0.18 -4.77 -28.33
N ASN A 274 -0.10 -5.12 -29.58
CA ASN A 274 -0.30 -4.09 -30.59
C ASN A 274 -1.47 -3.18 -30.22
N ASN A 275 -2.59 -3.77 -29.81
CA ASN A 275 -3.70 -2.94 -29.35
C ASN A 275 -3.29 -2.15 -28.12
N ASP A 276 -2.61 -2.82 -27.19
CA ASP A 276 -2.35 -2.20 -25.90
C ASP A 276 -1.41 -1.01 -26.04
N LEU A 277 -0.38 -1.14 -26.88
CA LEU A 277 0.52 -0.03 -27.11
C LEU A 277 -0.25 1.19 -27.62
N PHE A 278 -1.16 0.97 -28.60
CA PHE A 278 -1.94 2.10 -29.10
C PHE A 278 -2.67 2.76 -27.93
N HIS A 279 -3.34 1.94 -27.12
CA HIS A 279 -4.06 2.46 -25.95
C HIS A 279 -3.14 3.32 -25.09
N GLY A 280 -2.00 2.76 -24.68
CA GLY A 280 -1.15 3.48 -23.75
C GLY A 280 -0.69 4.80 -24.31
N GLN A 281 -0.45 4.85 -25.63
CA GLN A 281 0.09 6.09 -26.16
C GLN A 281 -0.99 7.14 -26.34
N ILE A 282 -2.22 6.74 -26.64
CA ILE A 282 -3.25 7.75 -26.83
C ILE A 282 -3.94 8.07 -25.51
N PHE A 283 -4.07 7.07 -24.63
CA PHE A 283 -4.44 7.33 -23.23
C PHE A 283 -3.67 8.53 -22.67
N HIS A 284 -2.34 8.53 -22.88
CA HIS A 284 -1.53 9.54 -22.20
C HIS A 284 -1.71 10.94 -22.80
N VAL A 285 -2.38 11.07 -23.95
CA VAL A 285 -2.76 12.40 -24.40
C VAL A 285 -3.69 13.06 -23.39
N ALA A 286 -4.65 12.32 -22.86
CA ALA A 286 -5.55 12.91 -21.88
C ALA A 286 -4.91 12.94 -20.50
N TYR A 287 -4.27 11.84 -20.12
CA TYR A 287 -3.71 11.66 -18.80
C TYR A 287 -2.27 11.23 -18.98
N PRO A 288 -1.30 12.13 -18.76
CA PRO A 288 -1.20 13.46 -18.10
C PRO A 288 -1.49 14.75 -18.90
N HIS A 289 -1.25 14.75 -20.20
CA HIS A 289 -1.08 16.02 -20.93
C HIS A 289 -2.31 16.93 -20.80
N ALA A 290 -3.48 16.49 -21.28
CA ALA A 290 -4.62 17.41 -21.38
C ALA A 290 -5.07 17.91 -20.00
N ILE A 291 -5.10 17.02 -19.01
CA ILE A 291 -5.51 17.39 -17.66
C ILE A 291 -4.58 18.43 -17.07
N ALA A 292 -3.28 18.14 -17.08
CA ALA A 292 -2.31 19.08 -16.52
C ALA A 292 -2.41 20.42 -17.23
N GLU A 293 -2.52 20.38 -18.56
CA GLU A 293 -2.58 21.61 -19.34
C GLU A 293 -3.74 22.49 -18.91
N ILE A 294 -4.92 21.90 -18.73
CA ILE A 294 -6.08 22.74 -18.43
C ILE A 294 -6.06 23.24 -16.98
N VAL A 295 -5.61 22.40 -16.02
CA VAL A 295 -5.51 22.86 -14.64
C VAL A 295 -4.53 24.03 -14.55
N HIS A 296 -3.41 23.92 -15.25
CA HIS A 296 -2.42 24.98 -15.21
C HIS A 296 -2.91 26.22 -15.96
N LEU A 297 -3.62 26.05 -17.08
CA LEU A 297 -4.15 27.23 -17.76
C LEU A 297 -5.12 27.98 -16.86
N ALA A 298 -5.93 27.25 -16.08
CA ALA A 298 -6.80 27.94 -15.12
C ALA A 298 -5.99 28.73 -14.10
N ALA A 299 -4.86 28.16 -13.65
CA ALA A 299 -4.02 28.88 -12.67
C ALA A 299 -3.37 30.11 -13.28
N LEU A 300 -2.85 29.99 -14.50
CA LEU A 300 -2.20 31.14 -15.14
C LEU A 300 -3.16 32.31 -15.30
N ARG A 301 -4.47 32.04 -15.43
CA ARG A 301 -5.42 33.12 -15.62
C ARG A 301 -5.82 33.80 -14.31
N THR A 302 -5.52 33.20 -13.15
CA THR A 302 -6.07 33.69 -11.90
C THR A 302 -5.03 34.05 -10.85
N MET A 303 -3.81 33.56 -10.97
CA MET A 303 -2.78 33.79 -9.96
C MET A 303 -1.69 34.68 -10.54
N SER A 304 -1.10 35.49 -9.67
CA SER A 304 0.02 36.33 -10.05
C SER A 304 1.26 35.50 -10.37
N ALA A 305 2.08 35.99 -11.31
CA ALA A 305 3.42 35.44 -11.50
C ALA A 305 4.23 35.46 -10.21
N ARG A 306 3.92 36.38 -9.29
CA ARG A 306 4.56 36.45 -7.99
C ARG A 306 4.05 35.38 -7.02
N HIS A 307 3.07 34.59 -7.38
CA HIS A 307 2.49 33.68 -6.41
C HIS A 307 3.35 32.43 -6.28
N PRO A 308 3.74 32.06 -5.04
CA PRO A 308 4.54 30.84 -4.86
C PRO A 308 3.94 29.60 -5.49
N VAL A 309 2.63 29.43 -5.37
CA VAL A 309 1.99 28.23 -5.90
C VAL A 309 2.06 28.21 -7.43
N LEU A 310 1.78 29.36 -8.05
CA LEU A 310 1.86 29.38 -9.51
C LEU A 310 3.29 29.18 -9.98
N ALA A 311 4.27 29.71 -9.24
CA ALA A 311 5.66 29.51 -9.65
C ALA A 311 6.05 28.03 -9.56
N LEU A 312 5.58 27.34 -8.52
CA LEU A 312 5.79 25.90 -8.41
C LEU A 312 5.16 25.16 -9.61
N MET A 313 3.90 25.50 -9.93
CA MET A 313 3.21 24.91 -11.06
C MET A 313 3.94 25.18 -12.37
N GLU A 314 4.46 26.39 -12.54
CA GLU A 314 5.16 26.74 -13.77
C GLU A 314 6.40 25.89 -13.93
N ARG A 315 7.07 25.58 -12.83
CA ARG A 315 8.19 24.65 -12.88
C ARG A 315 7.74 23.27 -13.36
N LEU A 316 6.67 22.72 -12.76
CA LEU A 316 6.19 21.40 -13.18
C LEU A 316 5.78 21.39 -14.65
N MET A 317 5.24 22.50 -15.15
CA MET A 317 4.67 22.56 -16.49
C MET A 317 5.66 23.07 -17.53
N TYR A 318 6.95 22.95 -17.25
CA TYR A 318 8.00 23.34 -18.19
C TYR A 318 7.80 22.65 -19.54
N GLN A 319 7.76 23.44 -20.60
CA GLN A 319 7.62 23.02 -21.99
C GLN A 319 6.28 22.36 -22.33
N ALA A 320 5.33 22.29 -21.39
CA ALA A 320 4.14 21.44 -21.56
C ALA A 320 3.35 21.80 -22.81
N TYR A 321 3.20 23.11 -23.09
CA TYR A 321 2.32 23.52 -24.20
C TYR A 321 2.96 23.37 -25.53
N ALA A 322 4.11 22.71 -25.59
CA ALA A 322 4.67 22.36 -26.89
C ALA A 322 4.06 21.06 -27.43
N VAL A 323 3.48 20.22 -26.55
CA VAL A 323 3.26 18.83 -26.93
C VAL A 323 2.10 18.69 -27.93
N ARG A 324 0.96 19.30 -27.64
CA ARG A 324 -0.19 19.08 -28.50
C ARG A 324 -0.07 19.80 -29.85
N PRO A 325 0.41 21.06 -29.93
CA PRO A 325 0.59 21.65 -31.26
C PRO A 325 1.49 20.81 -32.16
N LEU A 326 2.66 20.44 -31.65
CA LEU A 326 3.57 19.64 -32.47
C LEU A 326 2.99 18.28 -32.77
N GLY A 327 2.26 17.70 -31.81
CA GLY A 327 1.52 16.49 -32.11
C GLY A 327 0.63 16.64 -33.33
N GLU A 328 -0.06 17.77 -33.44
CA GLU A 328 -0.94 17.98 -34.59
C GLU A 328 -0.16 17.97 -35.90
N ARG A 329 1.06 18.50 -35.89
CA ARG A 329 1.71 18.81 -37.15
C ARG A 329 2.94 17.98 -37.45
N VAL A 330 3.53 17.32 -36.45
CA VAL A 330 4.67 16.47 -36.66
C VAL A 330 4.33 15.00 -36.48
N LEU A 331 3.52 14.66 -35.48
CA LEU A 331 3.27 13.27 -35.13
C LEU A 331 2.02 12.72 -35.80
N PHE A 332 0.86 13.30 -35.49
CA PHE A 332 -0.42 12.76 -35.90
C PHE A 332 -0.90 13.34 -37.21
N ASN A 333 -0.04 14.05 -37.94
CA ASN A 333 -0.45 14.64 -39.20
C ASN A 333 -0.73 13.56 -40.22
N LYS A 334 -1.51 13.95 -41.23
CA LYS A 334 -1.65 13.16 -42.44
C LYS A 334 -0.50 13.49 -43.35
N GLY A 335 0.49 12.62 -43.48
CA GLY A 335 0.59 11.37 -42.75
C GLY A 335 1.93 10.79 -43.12
N GLY A 336 2.91 10.85 -42.20
CA GLY A 336 2.71 11.23 -40.82
C GLY A 336 3.33 10.11 -40.02
N LEU A 337 4.22 10.43 -39.09
CA LEU A 337 5.04 9.41 -38.46
C LEU A 337 4.20 8.37 -37.72
N PHE A 338 3.17 8.81 -37.01
CA PHE A 338 2.24 7.87 -36.40
C PHE A 338 1.62 6.96 -37.46
N GLU A 339 1.09 7.56 -38.53
CA GLU A 339 0.47 6.77 -39.59
C GLU A 339 1.50 5.93 -40.33
N GLN A 340 2.75 6.39 -40.38
CA GLN A 340 3.78 5.62 -41.05
C GLN A 340 4.19 4.41 -40.22
N ASN A 341 3.89 4.39 -38.93
CA ASN A 341 4.27 3.24 -38.12
C ASN A 341 3.12 2.49 -37.46
N PHE A 342 1.95 3.10 -37.30
CA PHE A 342 0.84 2.45 -36.62
C PHE A 342 -0.18 1.94 -37.63
N ALA A 343 -1.30 1.42 -37.13
CA ALA A 343 -2.30 0.83 -38.00
C ALA A 343 -3.53 1.72 -38.19
N TYR A 344 -3.60 2.87 -37.53
CA TYR A 344 -4.81 3.65 -37.62
C TYR A 344 -4.54 5.04 -38.19
N PRO A 345 -5.51 5.62 -38.90
CA PRO A 345 -5.37 7.01 -39.34
C PRO A 345 -5.59 7.98 -38.18
N GLN A 346 -5.29 9.24 -38.47
CA GLN A 346 -5.33 10.30 -37.47
C GLN A 346 -6.71 10.44 -36.82
N ASP A 347 -7.78 10.38 -37.61
CA ASP A 347 -9.09 10.60 -37.02
C ASP A 347 -9.47 9.52 -36.00
N MET A 348 -8.79 8.37 -36.00
CA MET A 348 -9.02 7.38 -34.96
C MET A 348 -8.32 7.73 -33.66
N VAL A 349 -7.15 8.37 -33.74
CA VAL A 349 -6.53 8.93 -32.55
C VAL A 349 -7.45 9.98 -31.95
N TYR A 350 -7.96 10.89 -32.78
CA TYR A 350 -8.84 11.93 -32.24
C TYR A 350 -10.13 11.32 -31.69
N LYS A 351 -10.64 10.29 -32.37
CA LYS A 351 -11.80 9.55 -31.87
C LYS A 351 -11.54 8.99 -30.48
N PHE A 352 -10.40 8.31 -30.29
CA PHE A 352 -10.07 7.74 -28.98
C PHE A 352 -9.97 8.81 -27.91
N VAL A 353 -9.32 9.93 -28.23
CA VAL A 353 -9.19 11.00 -27.23
C VAL A 353 -10.56 11.48 -26.79
N GLY A 354 -11.43 11.79 -27.77
CA GLY A 354 -12.77 12.27 -27.43
C GLY A 354 -13.60 11.27 -26.65
N ASP A 355 -13.45 9.98 -26.98
CA ASP A 355 -14.21 8.93 -26.28
C ASP A 355 -13.70 8.71 -24.86
N SER A 356 -12.40 8.86 -24.62
CA SER A 356 -11.89 8.51 -23.31
C SER A 356 -11.83 9.69 -22.35
N TYR A 357 -11.68 10.92 -22.87
CA TYR A 357 -11.50 12.06 -21.99
C TYR A 357 -12.60 12.25 -20.95
N PRO A 358 -13.89 12.02 -21.25
CA PRO A 358 -14.91 12.16 -20.18
C PRO A 358 -14.61 11.32 -18.95
N THR A 359 -13.91 10.21 -19.12
CA THR A 359 -13.47 9.38 -18.01
C THR A 359 -12.05 9.71 -17.56
N THR A 360 -11.10 9.70 -18.50
CA THR A 360 -9.70 9.83 -18.13
C THR A 360 -9.32 11.26 -17.82
N GLY A 361 -10.15 12.24 -18.15
CA GLY A 361 -9.91 13.60 -17.73
C GLY A 361 -10.39 13.98 -16.34
N ARG A 362 -11.02 13.07 -15.59
CA ARG A 362 -11.52 13.39 -14.25
C ARG A 362 -10.37 13.52 -13.27
N TRP A 363 -10.23 14.72 -12.69
CA TRP A 363 -9.05 15.03 -11.87
C TRP A 363 -8.96 14.14 -10.64
N ARG A 364 -9.95 14.22 -9.74
CA ARG A 364 -9.88 13.44 -8.51
C ARG A 364 -9.90 11.94 -8.79
N ALA A 365 -10.63 11.50 -9.83
CA ALA A 365 -10.68 10.06 -10.12
C ALA A 365 -9.32 9.51 -10.52
N GLY A 366 -8.44 10.35 -11.05
CA GLY A 366 -7.12 9.94 -11.49
C GLY A 366 -6.02 9.99 -10.44
N TYR A 367 -6.31 10.41 -9.21
CA TYR A 367 -5.33 10.26 -8.13
C TYR A 367 -4.91 8.80 -8.05
N LEU A 368 -3.61 8.57 -7.81
CA LEU A 368 -3.04 7.23 -7.94
C LEU A 368 -3.88 6.17 -7.20
N ASP A 369 -4.08 6.36 -5.89
CA ASP A 369 -4.79 5.38 -5.07
C ASP A 369 -6.23 5.23 -5.51
N THR A 370 -6.91 6.35 -5.76
CA THR A 370 -8.31 6.29 -6.17
C THR A 370 -8.47 5.42 -7.42
N ASP A 371 -7.62 5.65 -8.42
CA ASP A 371 -7.73 4.89 -9.67
C ASP A 371 -7.47 3.41 -9.44
N VAL A 372 -6.36 3.06 -8.76
CA VAL A 372 -6.10 1.61 -8.65
C VAL A 372 -7.16 0.91 -7.80
N ARG A 373 -7.71 1.59 -6.78
CA ARG A 373 -8.77 0.97 -5.99
C ARG A 373 -10.05 0.82 -6.79
N ALA A 374 -10.39 1.84 -7.58
CA ALA A 374 -11.59 1.81 -8.41
C ALA A 374 -11.56 0.66 -9.41
N ARG A 375 -10.38 0.30 -9.91
CA ARG A 375 -10.26 -0.83 -10.81
C ARG A 375 -10.02 -2.15 -10.08
N GLY A 376 -10.03 -2.14 -8.75
CA GLY A 376 -9.94 -3.37 -7.99
C GLY A 376 -8.54 -3.97 -7.89
N LEU A 377 -7.51 -3.19 -8.20
CA LEU A 377 -6.15 -3.72 -8.17
C LEU A 377 -5.46 -3.51 -6.83
N VAL A 378 -6.02 -2.68 -5.96
CA VAL A 378 -5.49 -2.40 -4.63
C VAL A 378 -6.65 -2.34 -3.66
N ASP A 379 -6.47 -2.96 -2.48
CA ASP A 379 -7.45 -2.95 -1.38
C ASP A 379 -8.80 -3.53 -1.79
N ALA A 380 -8.86 -4.37 -2.81
CA ALA A 380 -10.16 -4.90 -3.21
C ALA A 380 -10.69 -5.84 -2.14
N ASP A 381 -11.94 -5.61 -1.71
CA ASP A 381 -12.56 -6.49 -0.74
C ASP A 381 -13.05 -7.80 -1.36
N TYR A 382 -13.14 -7.89 -2.68
CA TYR A 382 -13.77 -9.01 -3.36
C TYR A 382 -12.78 -9.95 -4.05
N GLY A 383 -11.48 -9.85 -3.73
CA GLY A 383 -10.50 -10.76 -4.28
C GLY A 383 -9.16 -10.61 -3.59
N PRO A 384 -8.27 -11.59 -3.73
CA PRO A 384 -6.98 -11.53 -3.04
C PRO A 384 -6.05 -10.47 -3.63
N GLU A 385 -5.14 -10.00 -2.79
CA GLU A 385 -4.21 -8.96 -3.19
C GLU A 385 -3.26 -9.49 -4.25
N LEU A 386 -2.95 -8.65 -5.25
CA LEU A 386 -1.95 -9.00 -6.25
C LEU A 386 -0.60 -9.10 -5.57
N PRO A 387 0.10 -10.24 -5.67
CA PRO A 387 1.39 -10.36 -4.99
C PRO A 387 2.44 -9.36 -5.49
N HIS A 388 2.41 -9.01 -6.78
CA HIS A 388 3.35 -8.09 -7.38
C HIS A 388 2.59 -7.10 -8.25
N PHE A 389 2.76 -5.81 -7.96
CA PHE A 389 2.15 -4.74 -8.74
C PHE A 389 3.20 -3.64 -8.85
N PRO A 390 4.17 -3.80 -9.76
CA PRO A 390 5.36 -2.93 -9.72
C PRO A 390 5.06 -1.45 -9.90
N PHE A 391 4.15 -1.11 -10.82
CA PHE A 391 3.75 0.28 -11.00
C PHE A 391 3.25 0.87 -9.69
N TYR A 392 2.40 0.14 -8.96
CA TYR A 392 1.85 0.70 -7.73
C TYR A 392 2.89 0.76 -6.63
N GLU A 393 3.77 -0.24 -6.57
CA GLU A 393 4.82 -0.24 -5.54
C GLU A 393 5.76 0.96 -5.70
N ASP A 394 6.36 1.10 -6.88
CA ASP A 394 7.26 2.25 -7.09
C ASP A 394 6.48 3.56 -7.07
N GLY A 395 5.30 3.57 -7.68
CA GLY A 395 4.52 4.79 -7.79
C GLY A 395 4.08 5.34 -6.45
N SER A 396 3.56 4.47 -5.58
CA SER A 396 3.09 4.91 -4.27
C SER A 396 4.25 5.40 -3.41
N ARG A 397 5.42 4.75 -3.52
CA ARG A 397 6.56 5.31 -2.81
C ARG A 397 6.93 6.71 -3.32
N LEU A 398 6.96 6.89 -4.65
CA LEU A 398 7.26 8.22 -5.20
C LEU A 398 6.24 9.26 -4.73
N VAL A 399 4.96 8.91 -4.77
CA VAL A 399 3.93 9.85 -4.32
C VAL A 399 4.18 10.26 -2.88
N GLU A 400 4.62 9.33 -2.02
CA GLU A 400 4.84 9.70 -0.63
C GLU A 400 6.02 10.67 -0.47
N VAL A 401 7.11 10.47 -1.24
CA VAL A 401 8.25 11.41 -1.21
C VAL A 401 7.81 12.80 -1.69
N ILE A 402 7.09 12.83 -2.82
CA ILE A 402 6.57 14.08 -3.37
C ILE A 402 5.69 14.78 -2.34
N ARG A 403 4.80 14.01 -1.71
CA ARG A 403 3.86 14.58 -0.75
C ARG A 403 4.57 15.13 0.48
N ARG A 404 5.63 14.45 0.96
CA ARG A 404 6.41 15.03 2.05
C ARG A 404 6.92 16.41 1.68
N PHE A 405 7.47 16.54 0.45
CA PHE A 405 7.96 17.86 0.04
C PHE A 405 6.81 18.87 -0.06
N VAL A 406 5.71 18.49 -0.72
CA VAL A 406 4.61 19.44 -0.94
C VAL A 406 3.98 19.85 0.38
N ARG A 407 3.89 18.93 1.33
CA ARG A 407 3.39 19.30 2.66
C ARG A 407 4.28 20.35 3.32
N SER A 408 5.62 20.16 3.26
CA SER A 408 6.50 21.20 3.81
C SER A 408 6.33 22.52 3.05
N PHE A 409 6.18 22.45 1.73
CA PHE A 409 6.05 23.66 0.91
C PHE A 409 4.80 24.43 1.30
N VAL A 410 3.66 23.73 1.39
CA VAL A 410 2.39 24.37 1.73
C VAL A 410 2.45 24.91 3.16
N ASP A 411 3.04 24.15 4.08
CA ASP A 411 3.16 24.63 5.47
C ASP A 411 3.98 25.93 5.55
N ALA A 412 5.13 25.96 4.89
CA ALA A 412 5.94 27.17 4.91
C ALA A 412 5.22 28.34 4.25
N THR A 413 4.62 28.08 3.08
CA THR A 413 4.01 29.16 2.30
C THR A 413 2.86 29.80 3.05
N TYR A 414 1.97 28.99 3.62
CA TYR A 414 0.78 29.45 4.30
C TYR A 414 0.96 29.49 5.82
N HIS A 415 2.20 29.43 6.28
CA HIS A 415 2.54 29.66 7.69
C HIS A 415 1.73 28.75 8.59
N GLU A 416 1.62 27.48 8.18
CA GLU A 416 0.92 26.43 8.94
C GLU A 416 -0.53 26.81 9.24
N SER A 417 -1.18 27.58 8.37
CA SER A 417 -2.51 28.11 8.67
C SER A 417 -3.50 27.73 7.58
N ASP A 418 -4.52 26.95 7.95
CA ASP A 418 -5.61 26.69 7.00
C ASP A 418 -6.34 27.96 6.63
N GLU A 419 -6.55 28.85 7.59
CA GLU A 419 -7.23 30.10 7.29
C GLU A 419 -6.49 30.90 6.23
N MET A 420 -5.15 30.81 6.20
CA MET A 420 -4.40 31.54 5.18
C MET A 420 -4.65 30.98 3.78
N VAL A 421 -4.83 29.66 3.68
CA VAL A 421 -5.25 29.05 2.43
C VAL A 421 -6.63 29.56 2.02
N ALA A 422 -7.58 29.50 2.96
CA ALA A 422 -8.95 29.92 2.67
C ALA A 422 -9.01 31.39 2.28
N LYS A 423 -8.16 32.23 2.86
CA LYS A 423 -8.19 33.66 2.58
C LYS A 423 -7.33 34.07 1.39
N ASP A 424 -6.65 33.13 0.76
CA ASP A 424 -5.87 33.42 -0.44
C ASP A 424 -6.84 33.60 -1.59
N ALA A 425 -7.14 34.87 -1.94
CA ALA A 425 -8.13 35.13 -2.98
C ALA A 425 -7.71 34.61 -4.34
N GLU A 426 -6.40 34.59 -4.63
CA GLU A 426 -5.93 34.12 -5.93
C GLU A 426 -6.05 32.61 -6.04
N LEU A 427 -5.70 31.87 -4.97
CA LEU A 427 -5.90 30.43 -4.95
C LEU A 427 -7.38 30.09 -5.17
N GLN A 428 -8.26 30.79 -4.46
CA GLN A 428 -9.69 30.50 -4.60
C GLN A 428 -10.18 30.83 -6.00
N ALA A 429 -9.67 31.92 -6.57
CA ALA A 429 -9.99 32.26 -7.96
C ALA A 429 -9.58 31.12 -8.89
N TRP A 430 -8.39 30.55 -8.67
CA TRP A 430 -7.95 29.40 -9.45
C TRP A 430 -8.93 28.24 -9.34
N VAL A 431 -9.31 27.86 -8.12
CA VAL A 431 -10.18 26.69 -7.98
C VAL A 431 -11.53 26.93 -8.66
N ALA A 432 -12.09 28.13 -8.50
CA ALA A 432 -13.38 28.42 -9.14
C ALA A 432 -13.24 28.46 -10.66
N GLU A 433 -12.11 28.98 -11.16
CA GLU A 433 -11.87 29.02 -12.60
C GLU A 433 -11.77 27.60 -13.17
N ALA A 434 -11.04 26.72 -12.47
CA ALA A 434 -10.94 25.33 -12.90
C ALA A 434 -12.32 24.66 -12.93
N ASN A 435 -13.10 24.82 -11.86
CA ASN A 435 -14.41 24.19 -11.82
C ASN A 435 -15.42 24.83 -12.77
N GLY A 436 -15.22 26.08 -13.16
CA GLY A 436 -16.17 26.76 -14.02
C GLY A 436 -15.74 26.90 -15.46
N PRO A 437 -15.26 28.10 -15.83
CA PRO A 437 -14.98 28.40 -17.25
C PRO A 437 -13.92 27.50 -17.88
N ALA A 438 -12.97 26.97 -17.10
CA ALA A 438 -11.97 26.09 -17.70
C ALA A 438 -12.52 24.70 -17.99
N GLY A 439 -13.64 24.32 -17.38
CA GLY A 439 -14.23 23.03 -17.65
C GLY A 439 -13.41 21.84 -17.18
N VAL A 440 -12.56 22.01 -16.17
CA VAL A 440 -11.85 20.85 -15.64
C VAL A 440 -12.88 19.86 -15.11
N GLU A 441 -12.68 18.58 -15.43
CA GLU A 441 -13.58 17.54 -14.98
C GLU A 441 -13.18 17.09 -13.57
N ASP A 442 -14.16 17.03 -12.67
CA ASP A 442 -14.01 16.38 -11.37
C ASP A 442 -12.83 16.95 -10.57
N PHE A 443 -12.64 18.27 -10.67
CA PHE A 443 -11.60 18.93 -9.90
C PHE A 443 -12.00 19.00 -8.43
N GLU A 444 -11.08 19.46 -7.59
CA GLU A 444 -11.38 19.68 -6.18
C GLU A 444 -12.43 20.78 -6.06
N PRO A 445 -13.55 20.54 -5.37
CA PRO A 445 -14.59 21.57 -5.28
C PRO A 445 -14.10 22.75 -4.45
N GLY A 446 -14.52 23.93 -4.85
CA GLY A 446 -14.19 25.15 -4.12
C GLY A 446 -15.28 25.48 -3.12
N PRO A 447 -14.95 26.30 -2.12
CA PRO A 447 -13.61 26.86 -1.93
C PRO A 447 -12.66 25.83 -1.31
N LEU A 448 -11.36 26.04 -1.50
CA LEU A 448 -10.34 25.13 -1.00
C LEU A 448 -9.77 25.76 0.28
N ASP A 449 -10.17 25.22 1.43
CA ASP A 449 -9.97 25.91 2.69
C ASP A 449 -8.97 25.26 3.63
N THR A 450 -8.26 24.21 3.20
CA THR A 450 -7.27 23.57 4.06
C THR A 450 -5.97 23.33 3.31
N ARG A 451 -4.88 23.40 4.07
CA ARG A 451 -3.58 23.00 3.56
C ARG A 451 -3.62 21.59 3.00
N GLU A 452 -4.30 20.66 3.71
CA GLU A 452 -4.29 19.26 3.31
C GLU A 452 -4.81 19.09 1.87
N ARG A 453 -5.89 19.78 1.52
CA ARG A 453 -6.45 19.64 0.18
C ARG A 453 -5.52 20.24 -0.88
N LEU A 454 -4.92 21.39 -0.59
CA LEU A 454 -3.95 21.95 -1.54
C LEU A 454 -2.80 20.99 -1.74
N VAL A 455 -2.35 20.35 -0.65
CA VAL A 455 -1.31 19.33 -0.75
C VAL A 455 -1.72 18.22 -1.72
N GLU A 456 -2.98 17.76 -1.62
CA GLU A 456 -3.42 16.73 -2.56
C GLU A 456 -3.35 17.22 -4.01
N VAL A 457 -3.74 18.46 -4.25
CA VAL A 457 -3.74 18.97 -5.63
C VAL A 457 -2.32 19.06 -6.20
N LEU A 458 -1.42 19.70 -5.45
CA LEU A 458 -0.08 19.90 -5.97
C LEU A 458 0.70 18.59 -6.04
N THR A 459 0.49 17.71 -5.06
CA THR A 459 1.09 16.37 -5.14
C THR A 459 0.64 15.67 -6.42
N HIS A 460 -0.65 15.78 -6.75
CA HIS A 460 -1.10 15.09 -7.96
C HIS A 460 -0.51 15.73 -9.21
N MET A 461 -0.42 17.07 -9.28
CA MET A 461 0.25 17.71 -10.42
C MET A 461 1.65 17.14 -10.60
N ALA A 462 2.42 17.09 -9.51
CA ALA A 462 3.80 16.62 -9.58
C ALA A 462 3.83 15.16 -10.02
N TRP A 463 2.89 14.35 -9.54
CA TRP A 463 2.78 12.97 -9.98
C TRP A 463 2.56 12.91 -11.50
N LEU A 464 1.68 13.76 -12.02
CA LEU A 464 1.40 13.73 -13.45
C LEU A 464 2.62 14.08 -14.27
N THR A 465 3.30 15.19 -13.93
CA THR A 465 4.37 15.62 -14.83
C THR A 465 5.68 14.86 -14.60
N GLY A 466 5.91 14.39 -13.39
CA GLY A 466 7.17 13.76 -13.06
C GLY A 466 7.14 12.24 -12.97
N CYS A 467 5.95 11.62 -13.04
CA CYS A 467 5.90 10.17 -12.94
C CYS A 467 5.00 9.49 -13.97
N ALA A 468 3.71 9.84 -13.97
CA ALA A 468 2.75 9.10 -14.80
C ALA A 468 3.09 9.21 -16.28
N HIS A 469 3.48 10.42 -16.71
CA HIS A 469 3.87 10.60 -18.10
C HIS A 469 4.90 9.58 -18.51
N HIS A 470 5.83 9.29 -17.62
CA HIS A 470 6.96 8.45 -18.01
C HIS A 470 6.67 6.98 -17.83
N VAL A 471 5.62 6.63 -17.07
CA VAL A 471 5.11 5.27 -17.10
C VAL A 471 4.54 4.98 -18.47
N LEU A 472 3.74 5.89 -19.02
CA LEU A 472 3.15 5.53 -20.31
C LEU A 472 4.04 5.86 -21.51
N ASN A 473 4.62 7.05 -21.55
CA ASN A 473 5.31 7.56 -22.74
C ASN A 473 6.79 7.72 -22.41
N GLN A 474 7.46 8.82 -22.77
CA GLN A 474 8.89 9.05 -22.52
C GLN A 474 9.64 7.81 -23.00
N GLY A 475 10.53 7.22 -22.19
CA GLY A 475 11.31 6.10 -22.66
C GLY A 475 10.65 4.74 -22.55
N GLU A 476 9.44 4.67 -22.00
CA GLU A 476 8.80 3.37 -21.80
C GLU A 476 8.57 2.60 -23.10
N PRO A 477 8.06 3.19 -24.19
CA PRO A 477 7.84 2.37 -25.39
C PRO A 477 9.11 1.78 -25.98
N VAL A 478 10.15 2.59 -26.20
CA VAL A 478 11.34 2.06 -26.85
C VAL A 478 12.02 1.00 -25.97
N THR A 479 11.95 1.16 -24.65
CA THR A 479 12.64 0.23 -23.75
C THR A 479 11.80 -0.98 -23.36
N ALA A 480 10.47 -0.93 -23.49
CA ALA A 480 9.65 -2.01 -22.96
C ALA A 480 8.37 -2.26 -23.75
N SER A 481 7.44 -1.30 -23.75
CA SER A 481 6.11 -1.55 -24.29
C SER A 481 6.06 -1.45 -25.81
N GLY A 482 7.12 -1.01 -26.48
CA GLY A 482 7.17 -1.02 -27.93
C GLY A 482 8.36 -1.80 -28.44
N VAL A 483 8.76 -2.82 -27.68
CA VAL A 483 9.91 -3.65 -28.02
C VAL A 483 9.48 -4.76 -28.96
N LEU A 484 10.08 -4.78 -30.14
CA LEU A 484 9.88 -5.86 -31.11
C LEU A 484 10.64 -7.11 -30.68
N PRO A 485 10.14 -8.29 -31.08
CA PRO A 485 8.99 -8.58 -31.93
C PRO A 485 7.61 -8.57 -31.25
N MET A 486 7.55 -8.61 -29.92
CA MET A 486 6.25 -8.84 -29.27
C MET A 486 5.36 -7.61 -29.22
N HIS A 487 5.88 -6.41 -29.48
CA HIS A 487 5.09 -5.18 -29.42
C HIS A 487 5.27 -4.35 -30.68
N PRO A 488 4.71 -4.78 -31.81
CA PRO A 488 4.75 -3.94 -33.01
C PRO A 488 3.66 -2.88 -32.96
N THR A 489 4.00 -1.71 -33.52
CA THR A 489 3.00 -0.64 -33.61
C THR A 489 1.95 -0.91 -34.69
N ALA A 490 2.18 -1.86 -35.59
CA ALA A 490 1.18 -2.24 -36.57
C ALA A 490 1.43 -3.67 -37.01
N LEU A 491 0.38 -4.30 -37.54
CA LEU A 491 0.49 -5.63 -38.13
C LEU A 491 0.45 -5.51 -39.65
N TYR A 492 1.05 -6.49 -40.34
CA TYR A 492 1.27 -6.39 -41.78
C TYR A 492 0.62 -7.53 -42.58
N ALA A 493 -0.14 -8.39 -41.92
CA ALA A 493 -0.97 -9.39 -42.58
C ALA A 493 -2.29 -9.46 -41.84
N PRO A 494 -3.39 -9.77 -42.54
CA PRO A 494 -4.70 -9.89 -41.90
C PRO A 494 -4.67 -10.74 -40.64
N VAL A 495 -5.50 -10.35 -39.67
CA VAL A 495 -5.69 -11.21 -38.49
C VAL A 495 -6.32 -12.53 -38.94
N PRO A 496 -5.77 -13.67 -38.55
CA PRO A 496 -6.23 -14.94 -39.11
C PRO A 496 -7.70 -15.19 -38.87
N THR A 497 -8.36 -15.74 -39.88
CA THR A 497 -9.76 -16.16 -39.78
C THR A 497 -9.90 -17.62 -39.38
N SER A 498 -8.79 -18.30 -39.10
CA SER A 498 -8.81 -19.71 -38.75
C SER A 498 -7.63 -20.04 -37.86
N LYS A 499 -7.82 -20.96 -36.92
CA LYS A 499 -6.72 -21.45 -36.11
C LYS A 499 -5.88 -22.48 -36.86
N ALA A 500 -6.54 -23.37 -37.61
CA ALA A 500 -5.84 -24.47 -38.26
C ALA A 500 -5.20 -24.02 -39.56
N ASN A 501 -5.97 -23.42 -40.46
CA ASN A 501 -5.48 -23.07 -41.79
C ASN A 501 -4.93 -21.65 -41.79
N THR A 502 -3.80 -21.49 -41.09
CA THR A 502 -3.03 -20.25 -41.13
C THR A 502 -1.56 -20.60 -40.98
N THR A 503 -0.70 -19.69 -41.43
CA THR A 503 0.73 -19.98 -41.48
C THR A 503 1.34 -20.00 -40.07
N ALA A 504 2.31 -20.89 -39.87
CA ALA A 504 3.04 -20.96 -38.62
C ALA A 504 4.13 -19.91 -38.52
N ASP A 505 4.43 -19.21 -39.61
CA ASP A 505 5.47 -18.19 -39.66
C ASP A 505 4.82 -16.82 -39.43
N LEU A 506 5.09 -16.22 -38.28
CA LEU A 506 4.46 -14.97 -37.91
C LEU A 506 5.17 -13.74 -38.47
N LEU A 507 6.24 -13.93 -39.25
CA LEU A 507 6.98 -12.78 -39.76
C LEU A 507 6.15 -11.94 -40.73
N GLY A 508 5.15 -12.56 -41.38
CA GLY A 508 4.30 -11.80 -42.28
C GLY A 508 3.53 -10.70 -41.56
N TYR A 509 3.12 -10.95 -40.31
CA TYR A 509 2.38 -9.95 -39.55
C TYR A 509 3.30 -8.86 -39.00
N LEU A 510 4.51 -9.21 -38.63
CA LEU A 510 5.40 -8.27 -37.97
C LEU A 510 5.99 -7.30 -38.98
N PRO A 511 6.49 -6.15 -38.51
CA PRO A 511 7.16 -5.23 -39.44
C PRO A 511 8.37 -5.88 -40.06
N SER A 512 8.73 -5.40 -41.24
CA SER A 512 9.88 -5.93 -41.97
C SER A 512 11.17 -5.55 -41.23
N ALA A 513 12.29 -5.97 -41.82
CA ALA A 513 13.60 -5.55 -41.33
C ALA A 513 13.69 -4.03 -41.29
N GLN A 514 13.17 -3.36 -42.32
CA GLN A 514 13.25 -1.91 -42.34
C GLN A 514 12.23 -1.28 -41.40
N LYS A 515 10.96 -1.70 -41.48
CA LYS A 515 9.93 -1.10 -40.65
C LYS A 515 10.18 -1.30 -39.16
N SER A 516 10.97 -2.32 -38.78
CA SER A 516 11.38 -2.47 -37.39
C SER A 516 12.33 -1.35 -36.99
N VAL A 517 13.32 -1.05 -37.85
CA VAL A 517 14.23 0.06 -37.58
C VAL A 517 13.47 1.38 -37.52
N ASP A 518 12.47 1.55 -38.40
CA ASP A 518 11.65 2.77 -38.33
C ASP A 518 10.87 2.84 -37.02
N GLN A 519 10.30 1.72 -36.56
CA GLN A 519 9.58 1.73 -35.30
C GLN A 519 10.49 2.11 -34.14
N VAL A 520 11.62 1.41 -34.01
CA VAL A 520 12.50 1.68 -32.87
C VAL A 520 13.06 3.08 -32.94
N THR A 521 13.27 3.60 -34.15
CA THR A 521 13.71 4.99 -34.31
C THR A 521 12.65 5.96 -33.80
N LEU A 522 11.40 5.78 -34.23
CA LEU A 522 10.32 6.64 -33.78
C LEU A 522 10.23 6.66 -32.26
N LEU A 523 10.17 5.48 -31.65
CA LEU A 523 10.04 5.40 -30.19
C LEU A 523 11.29 5.92 -29.49
N ALA A 524 12.47 5.74 -30.09
CA ALA A 524 13.67 6.31 -29.50
C ALA A 524 13.59 7.83 -29.47
N ARG A 525 12.91 8.43 -30.44
CA ARG A 525 12.80 9.88 -30.43
C ARG A 525 11.86 10.41 -29.35
N PHE A 526 11.23 9.55 -28.56
CA PHE A 526 10.50 10.01 -27.38
C PHE A 526 11.34 9.99 -26.13
N ASN A 527 12.58 9.54 -26.21
CA ASN A 527 13.51 9.56 -25.09
C ASN A 527 14.24 10.91 -25.06
N ARG A 528 14.62 11.36 -23.86
CA ARG A 528 15.38 12.59 -23.68
C ARG A 528 16.55 12.36 -22.71
N PRO A 529 17.66 11.84 -23.20
CA PRO A 529 18.78 11.52 -22.29
C PRO A 529 19.41 12.74 -21.66
N ASP A 530 19.35 13.91 -22.31
CA ASP A 530 20.03 15.08 -21.77
C ASP A 530 19.40 15.59 -20.48
N VAL A 531 18.23 15.09 -20.07
CA VAL A 531 17.72 15.50 -18.77
C VAL A 531 18.65 15.04 -17.67
N VAL A 532 19.46 14.00 -17.91
CA VAL A 532 20.36 13.54 -16.86
C VAL A 532 21.51 14.52 -16.67
N PRO A 533 22.32 14.85 -17.70
CA PRO A 533 23.44 15.79 -17.48
C PRO A 533 23.00 17.20 -17.13
N THR A 534 21.80 17.63 -17.52
CA THR A 534 21.32 18.95 -17.15
C THR A 534 20.54 18.96 -15.83
N ASN A 535 20.51 17.85 -15.10
CA ASN A 535 19.71 17.70 -13.87
C ASN A 535 18.28 18.21 -14.05
N GLN A 536 17.62 17.75 -15.10
CA GLN A 536 16.22 18.06 -15.32
C GLN A 536 15.34 16.86 -15.03
N THR A 537 15.70 16.08 -14.03
CA THR A 537 15.01 14.83 -13.73
C THR A 537 14.06 15.00 -12.55
N LEU A 538 13.24 13.97 -12.32
CA LEU A 538 12.33 13.96 -11.18
C LEU A 538 13.05 14.30 -9.88
N ARG A 539 14.24 13.73 -9.70
CA ARG A 539 15.04 14.00 -8.50
C ARG A 539 15.22 15.49 -8.25
N TYR A 540 15.40 16.29 -9.31
CA TYR A 540 15.63 17.73 -9.17
C TYR A 540 14.39 18.55 -9.50
N MET A 541 13.21 17.93 -9.38
CA MET A 541 11.95 18.60 -9.72
C MET A 541 11.82 19.98 -9.05
N PHE A 542 12.14 20.07 -7.76
CA PHE A 542 11.92 21.29 -7.00
C PHE A 542 13.19 22.12 -6.82
N ALA A 543 14.32 21.68 -7.36
CA ALA A 543 15.58 22.38 -7.22
C ALA A 543 15.77 23.48 -8.26
N ALA A 544 14.70 24.15 -8.67
CA ALA A 544 14.82 25.23 -9.64
C ALA A 544 15.46 26.44 -8.99
N PRO A 545 16.44 27.08 -9.64
CA PRO A 545 17.07 28.28 -9.04
C PRO A 545 16.06 29.34 -8.61
N GLN A 546 15.06 29.65 -9.45
CA GLN A 546 14.11 30.69 -9.08
C GLN A 546 13.27 30.29 -7.87
N LEU A 547 13.02 28.99 -7.70
CA LEU A 547 12.22 28.56 -6.55
C LEU A 547 13.05 28.56 -5.27
N LEU A 548 14.32 28.13 -5.38
CA LEU A 548 15.22 28.15 -4.24
C LEU A 548 15.49 29.58 -3.78
N LEU A 549 15.66 30.50 -4.73
CA LEU A 549 15.89 31.89 -4.34
C LEU A 549 14.61 32.57 -3.85
N GLY A 550 13.48 32.30 -4.51
CA GLY A 550 12.23 32.99 -4.22
C GLY A 550 11.46 32.50 -3.01
N ASN A 551 11.83 31.35 -2.47
CA ASN A 551 11.23 30.85 -1.25
C ASN A 551 12.31 30.82 -0.16
N GLY A 552 11.90 30.55 1.06
CA GLY A 552 12.81 30.71 2.18
C GLY A 552 13.72 29.52 2.42
N GLU A 553 14.23 29.46 3.66
CA GLU A 553 15.13 28.37 4.05
C GLU A 553 14.38 27.06 4.23
N ALA A 554 13.11 27.11 4.67
CA ALA A 554 12.36 25.87 4.83
C ALA A 554 12.16 25.18 3.49
N TYR A 555 11.96 25.98 2.44
CA TYR A 555 11.89 25.43 1.09
C TYR A 555 13.18 24.69 0.75
N ARG A 556 14.34 25.32 0.99
CA ARG A 556 15.62 24.70 0.67
C ARG A 556 15.83 23.40 1.43
N ARG A 557 15.47 23.38 2.71
CA ARG A 557 15.63 22.16 3.52
C ARG A 557 14.73 21.04 3.01
N ALA A 558 13.47 21.36 2.67
CA ALA A 558 12.61 20.33 2.10
C ALA A 558 13.15 19.84 0.75
N ASN A 559 13.66 20.75 -0.08
CA ASN A 559 14.27 20.33 -1.34
C ASN A 559 15.44 19.38 -1.08
N GLN A 560 16.28 19.69 -0.10
CA GLN A 560 17.41 18.82 0.19
C GLN A 560 16.95 17.41 0.57
N ARG A 561 15.90 17.32 1.42
CA ARG A 561 15.38 16.01 1.81
C ARG A 561 14.84 15.25 0.60
N PHE A 562 14.09 15.95 -0.25
CA PHE A 562 13.51 15.33 -1.45
C PHE A 562 14.60 14.82 -2.39
N VAL A 563 15.61 15.65 -2.64
CA VAL A 563 16.69 15.26 -3.55
C VAL A 563 17.40 14.02 -3.01
N ARG A 564 17.62 13.97 -1.69
CA ARG A 564 18.30 12.82 -1.10
C ARG A 564 17.44 11.56 -1.22
N ALA A 565 16.14 11.67 -0.88
CA ALA A 565 15.26 10.51 -0.95
C ALA A 565 15.16 9.98 -2.39
N MET A 566 14.95 10.87 -3.36
CA MET A 566 14.88 10.43 -4.76
C MET A 566 16.21 9.87 -5.24
N GLY A 567 17.33 10.39 -4.74
CA GLY A 567 18.62 9.82 -5.08
C GLY A 567 18.75 8.37 -4.57
N ARG A 568 18.27 8.12 -3.35
CA ARG A 568 18.32 6.75 -2.81
C ARG A 568 17.44 5.80 -3.64
N ILE A 569 16.21 6.24 -3.96
CA ILE A 569 15.35 5.43 -4.81
C ILE A 569 16.00 5.19 -6.17
N SER A 570 16.64 6.21 -6.73
CA SER A 570 17.31 6.03 -8.01
C SER A 570 18.42 4.99 -7.88
N ASP A 571 19.19 5.02 -6.79
CA ASP A 571 20.25 4.02 -6.60
C ASP A 571 19.65 2.63 -6.55
N GLU A 572 18.53 2.48 -5.86
CA GLU A 572 17.89 1.17 -5.78
C GLU A 572 17.42 0.69 -7.15
N VAL A 573 16.76 1.55 -7.91
CA VAL A 573 16.22 1.14 -9.21
C VAL A 573 17.36 0.76 -10.15
N LYS A 574 18.41 1.59 -10.20
CA LYS A 574 19.55 1.31 -11.05
C LYS A 574 20.20 -0.03 -10.71
N ALA A 575 20.11 -0.46 -9.44
CA ALA A 575 20.78 -1.67 -8.98
C ALA A 575 19.92 -2.92 -9.10
N ARG A 576 18.73 -2.82 -9.68
CA ARG A 576 17.83 -3.97 -9.75
C ARG A 576 18.47 -5.09 -10.58
N ARG A 577 18.41 -6.31 -10.04
CA ARG A 577 18.93 -7.49 -10.71
C ARG A 577 17.91 -8.60 -10.57
N PHE A 578 18.07 -9.62 -11.39
CA PHE A 578 17.23 -10.80 -11.33
C PHE A 578 17.59 -11.66 -10.13
N ASP A 579 16.58 -12.25 -9.52
CA ASP A 579 16.78 -13.14 -8.38
C ASP A 579 17.03 -14.57 -8.89
N ASP A 580 16.97 -15.54 -7.98
CA ASP A 580 17.32 -16.91 -8.33
C ASP A 580 16.38 -17.48 -9.39
N ARG A 581 15.12 -17.10 -9.38
CA ARG A 581 14.17 -17.53 -10.40
C ARG A 581 14.12 -16.57 -11.59
N GLY A 582 15.10 -15.67 -11.72
CA GLY A 582 15.11 -14.72 -12.82
C GLY A 582 13.94 -13.76 -12.84
N LEU A 583 13.54 -13.24 -11.68
CA LEU A 583 12.37 -12.37 -11.57
C LEU A 583 12.76 -11.11 -10.82
N SER A 584 12.51 -9.95 -11.43
CA SER A 584 12.67 -8.65 -10.80
C SER A 584 11.28 -8.05 -10.58
N GLN A 585 10.93 -7.79 -9.31
CA GLN A 585 9.59 -7.36 -8.93
C GLN A 585 8.53 -8.34 -9.41
N GLY A 586 8.89 -9.62 -9.43
CA GLY A 586 7.98 -10.66 -9.89
C GLY A 586 7.86 -10.79 -11.38
N MET A 587 8.72 -10.12 -12.15
CA MET A 587 8.62 -10.06 -13.61
C MET A 587 9.88 -10.58 -14.29
N PRO A 588 9.74 -11.15 -15.49
CA PRO A 588 10.94 -11.58 -16.24
C PRO A 588 11.70 -10.46 -16.93
N PHE A 589 11.64 -9.23 -16.40
CA PHE A 589 12.44 -8.14 -16.94
C PHE A 589 12.66 -7.08 -15.87
N ILE A 590 13.75 -6.32 -16.05
CA ILE A 590 14.15 -5.27 -15.10
C ILE A 590 13.44 -3.99 -15.48
N TRP A 591 12.52 -3.53 -14.63
CA TRP A 591 11.67 -2.39 -14.93
C TRP A 591 12.21 -1.17 -14.20
N GLN A 592 12.69 -0.20 -14.96
CA GLN A 592 13.31 0.98 -14.40
C GLN A 592 12.59 2.25 -14.85
N ALA A 593 11.33 2.13 -15.28
CA ALA A 593 10.63 3.27 -15.85
C ALA A 593 10.38 4.38 -14.83
N LEU A 594 10.44 4.09 -13.54
CA LEU A 594 10.25 5.10 -12.49
C LEU A 594 11.54 5.36 -11.71
N ASP A 595 12.68 5.40 -12.42
CA ASP A 595 13.93 5.82 -11.82
C ASP A 595 13.97 7.35 -11.75
N PRO A 596 13.85 7.94 -10.54
CA PRO A 596 13.85 9.40 -10.42
C PRO A 596 15.10 10.09 -10.94
N GLY A 597 16.22 9.37 -11.04
CA GLY A 597 17.43 9.96 -11.58
C GLY A 597 17.54 9.90 -13.09
N ASN A 598 16.58 9.28 -13.79
CA ASN A 598 16.63 9.13 -15.24
C ASN A 598 15.47 9.79 -15.97
N ILE A 599 14.35 10.09 -15.32
CA ILE A 599 13.16 10.53 -16.03
C ILE A 599 12.98 12.02 -15.79
N PRO A 600 12.35 12.75 -16.70
CA PRO A 600 12.18 14.20 -16.51
C PRO A 600 11.27 14.52 -15.34
N PHE A 601 11.40 15.74 -14.83
CA PHE A 601 10.38 16.25 -13.92
C PHE A 601 9.17 16.83 -14.66
N TYR A 602 9.23 16.93 -15.99
CA TYR A 602 8.23 17.67 -16.75
C TYR A 602 7.73 16.84 -17.92
N LEU A 603 6.69 17.37 -18.58
CA LEU A 603 6.04 16.73 -19.73
C LEU A 603 6.86 17.00 -21.00
N SER A 604 7.96 16.25 -21.13
CA SER A 604 9.04 16.63 -22.06
C SER A 604 8.73 16.31 -23.53
N VAL A 605 7.81 15.39 -23.79
CA VAL A 605 7.53 15.00 -25.17
C VAL A 605 6.16 14.36 -25.23
N VAL B 38 -34.33 6.10 21.10
CA VAL B 38 -33.47 7.26 21.28
C VAL B 38 -33.12 7.89 19.94
N VAL B 39 -33.06 9.22 19.91
CA VAL B 39 -32.70 9.98 18.71
C VAL B 39 -31.40 10.71 18.98
N TYR B 40 -30.46 10.64 18.04
CA TYR B 40 -29.15 11.23 18.23
C TYR B 40 -29.13 12.63 17.61
N THR B 41 -28.71 13.62 18.40
CA THR B 41 -28.63 15.00 17.95
C THR B 41 -27.28 15.63 18.27
N LEU B 42 -26.76 16.41 17.33
CA LEU B 42 -25.67 17.32 17.62
C LEU B 42 -26.16 18.41 18.57
N PRO B 43 -25.24 19.13 19.25
CA PRO B 43 -25.68 20.18 20.17
C PRO B 43 -26.62 21.22 19.56
N CYS B 44 -26.27 21.80 18.42
CA CYS B 44 -27.13 22.84 17.85
C CYS B 44 -28.44 22.28 17.30
N GLU B 45 -28.63 20.96 17.30
CA GLU B 45 -29.89 20.35 16.90
C GLU B 45 -30.75 19.94 18.09
N ASP B 46 -30.32 20.22 19.32
CA ASP B 46 -31.01 19.78 20.52
C ASP B 46 -31.85 20.93 21.08
N GLY B 47 -33.16 20.70 21.21
CA GLY B 47 -34.04 21.72 21.72
C GLY B 47 -33.88 21.99 23.22
N ASN B 48 -34.02 20.95 24.03
CA ASN B 48 -33.83 21.06 25.48
C ASN B 48 -32.33 21.12 25.75
N SER B 49 -31.77 22.30 25.53
CA SER B 49 -30.33 22.49 25.72
C SER B 49 -29.96 22.46 27.21
N THR B 50 -30.82 23.06 28.05
CA THR B 50 -30.56 23.13 29.48
C THR B 50 -30.35 21.74 30.09
N ALA B 51 -31.21 20.78 29.72
CA ALA B 51 -31.07 19.43 30.27
C ALA B 51 -29.82 18.74 29.74
N ARG B 52 -29.54 18.89 28.45
CA ARG B 52 -28.33 18.32 27.88
C ARG B 52 -27.08 18.78 28.63
N THR B 53 -26.93 20.09 28.79
CA THR B 53 -25.77 20.60 29.51
C THR B 53 -25.79 20.16 30.98
N ALA B 54 -26.97 20.01 31.57
CA ALA B 54 -27.03 19.51 32.95
C ALA B 54 -26.48 18.09 33.04
N GLU B 55 -26.91 17.22 32.12
CA GLU B 55 -26.41 15.85 32.09
C GLU B 55 -24.89 15.84 31.98
N ILE B 56 -24.34 16.62 31.05
CA ILE B 56 -22.90 16.62 30.87
C ILE B 56 -22.19 17.15 32.12
N ARG B 57 -22.77 18.18 32.76
CA ARG B 57 -22.14 18.76 33.94
C ARG B 57 -22.09 17.77 35.10
N LEU B 58 -23.17 17.01 35.28
CA LEU B 58 -23.14 15.93 36.27
C LEU B 58 -22.09 14.89 35.92
N LYS B 59 -21.99 14.52 34.64
CA LYS B 59 -20.91 13.61 34.24
C LYS B 59 -19.55 14.16 34.64
N GLN B 60 -19.31 15.46 34.41
CA GLN B 60 -18.03 16.05 34.75
C GLN B 60 -17.81 16.08 36.25
N ALA B 61 -18.88 16.12 37.03
CA ALA B 61 -18.76 16.12 38.47
C ALA B 61 -18.49 14.73 39.04
N THR B 62 -18.93 13.66 38.36
CA THR B 62 -18.86 12.33 38.94
C THR B 62 -17.94 11.36 38.18
N LEU B 63 -17.49 11.70 36.98
CA LEU B 63 -16.67 10.83 36.14
C LEU B 63 -15.26 11.43 36.08
N LEU B 64 -14.34 10.87 36.87
CA LEU B 64 -13.06 11.50 37.15
C LEU B 64 -11.90 10.76 36.49
N TYR B 65 -10.75 11.42 36.45
CA TYR B 65 -9.50 10.83 36.00
C TYR B 65 -8.82 10.15 37.18
N GLY B 66 -9.06 8.86 37.33
CA GLY B 66 -8.44 8.08 38.38
C GLY B 66 -7.10 7.53 37.97
N PRO B 67 -6.35 7.01 38.94
CA PRO B 67 -4.97 6.57 38.67
C PRO B 67 -4.89 5.48 37.61
N SER B 68 -3.79 5.50 36.85
CA SER B 68 -3.56 4.49 35.83
C SER B 68 -3.44 3.12 36.47
N LEU B 69 -4.03 2.12 35.82
CA LEU B 69 -3.90 0.73 36.24
C LEU B 69 -2.85 0.04 35.38
N LEU B 70 -2.21 -0.97 35.97
CA LEU B 70 -1.18 -1.80 35.33
C LEU B 70 0.10 -1.02 35.03
N GLY B 71 0.44 -0.05 35.87
CA GLY B 71 1.66 0.72 35.69
C GLY B 71 1.36 2.14 35.23
N ASN B 72 2.42 2.82 34.83
CA ASN B 72 2.37 4.24 34.49
C ASN B 72 1.90 4.44 33.05
N ALA B 73 0.59 4.26 32.85
CA ALA B 73 -0.02 4.52 31.54
C ALA B 73 -1.06 5.64 31.61
N SER B 74 -2.24 5.43 31.03
CA SER B 74 -3.28 6.45 30.99
C SER B 74 -4.20 6.34 32.20
N TYR B 75 -4.81 7.47 32.56
CA TYR B 75 -5.78 7.46 33.65
C TYR B 75 -6.91 6.48 33.34
N PHE B 76 -7.52 5.98 34.41
CA PHE B 76 -8.62 5.03 34.36
C PHE B 76 -9.85 5.67 35.00
N PRO B 77 -11.04 5.38 34.48
CA PRO B 77 -12.25 6.05 35.01
C PRO B 77 -12.35 5.92 36.53
N GLY B 78 -12.63 7.04 37.18
CA GLY B 78 -12.77 7.10 38.62
C GLY B 78 -13.97 7.92 39.00
N GLY B 79 -14.14 8.21 40.30
CA GLY B 79 -15.34 8.84 40.78
C GLY B 79 -16.48 7.84 40.85
N PRO B 80 -17.65 8.29 41.33
CA PRO B 80 -18.80 7.36 41.39
C PRO B 80 -19.22 6.85 40.02
N LEU B 81 -19.29 7.73 39.02
CA LEU B 81 -19.73 7.30 37.69
C LEU B 81 -18.68 6.44 37.01
N GLY B 82 -17.39 6.76 37.21
CA GLY B 82 -16.35 5.93 36.64
C GLY B 82 -16.31 4.54 37.24
N ASP B 83 -16.44 4.46 38.56
CA ASP B 83 -16.57 3.15 39.19
C ASP B 83 -17.77 2.40 38.64
N ALA B 84 -18.92 3.07 38.51
CA ALA B 84 -20.11 2.41 37.98
C ALA B 84 -19.88 1.88 36.56
N ILE B 85 -19.22 2.65 35.69
CA ILE B 85 -18.98 2.18 34.33
C ILE B 85 -18.04 0.98 34.34
N SER B 86 -16.96 1.07 35.13
CA SER B 86 -16.03 -0.05 35.23
C SER B 86 -16.71 -1.31 35.71
N LEU B 87 -17.59 -1.17 36.71
CA LEU B 87 -18.30 -2.31 37.28
C LEU B 87 -19.29 -2.90 36.29
N ARG B 88 -20.01 -2.04 35.56
CA ARG B 88 -20.91 -2.52 34.51
C ARG B 88 -20.14 -3.34 33.48
N ASP B 89 -19.01 -2.82 33.01
CA ASP B 89 -18.20 -3.54 32.02
C ASP B 89 -17.73 -4.89 32.57
N GLN B 90 -17.18 -4.91 33.79
CA GLN B 90 -16.73 -6.18 34.37
C GLN B 90 -17.89 -7.16 34.50
N THR B 91 -19.04 -6.68 34.98
CA THR B 91 -20.20 -7.53 35.15
C THR B 91 -20.61 -8.18 33.82
N VAL B 92 -20.69 -7.39 32.76
CA VAL B 92 -21.02 -7.94 31.46
C VAL B 92 -19.96 -8.94 30.99
N TRP B 93 -18.69 -8.65 31.27
CA TRP B 93 -17.58 -9.45 30.78
C TRP B 93 -17.53 -10.85 31.44
N GLU B 94 -17.93 -10.94 32.71
CA GLU B 94 -17.71 -12.17 33.47
C GLU B 94 -18.47 -13.37 32.91
N GLY B 95 -19.60 -13.15 32.25
CA GLY B 95 -20.39 -14.27 31.75
C GLY B 95 -19.66 -15.08 30.69
N ALA B 96 -19.25 -14.38 29.61
CA ALA B 96 -18.46 -15.05 28.58
C ALA B 96 -17.16 -15.56 29.14
N ALA B 97 -16.58 -14.85 30.12
CA ALA B 97 -15.35 -15.35 30.74
C ALA B 97 -15.57 -16.72 31.38
N VAL B 98 -16.64 -16.85 32.17
CA VAL B 98 -16.93 -18.09 32.88
C VAL B 98 -17.13 -19.24 31.90
N VAL B 99 -18.01 -19.03 30.92
CA VAL B 99 -18.30 -20.09 29.95
C VAL B 99 -17.02 -20.54 29.24
N GLN B 100 -16.21 -19.59 28.77
CA GLN B 100 -15.03 -20.01 28.01
C GLN B 100 -13.97 -20.65 28.91
N SER B 101 -13.94 -20.31 30.20
CA SER B 101 -13.02 -20.98 31.10
C SER B 101 -13.44 -22.44 31.33
N LEU B 102 -14.73 -22.68 31.48
CA LEU B 102 -15.19 -24.07 31.56
C LEU B 102 -14.82 -24.84 30.30
N ARG B 103 -15.05 -24.24 29.13
CA ARG B 103 -14.67 -24.90 27.88
C ARG B 103 -13.18 -25.20 27.84
N ALA B 104 -12.35 -24.22 28.22
CA ALA B 104 -10.90 -24.39 28.19
C ALA B 104 -10.44 -25.51 29.11
N PHE B 105 -11.01 -25.59 30.32
CA PHE B 105 -10.52 -26.64 31.23
C PHE B 105 -11.01 -28.03 30.83
N THR B 106 -12.23 -28.13 30.28
CA THR B 106 -12.64 -29.42 29.71
C THR B 106 -11.69 -29.87 28.62
N ASP B 107 -11.44 -28.98 27.64
CA ASP B 107 -10.47 -29.22 26.59
C ASP B 107 -9.14 -29.69 27.16
N ALA B 108 -8.66 -28.97 28.18
CA ALA B 108 -7.36 -29.28 28.75
C ALA B 108 -7.34 -30.68 29.35
N ALA B 109 -8.43 -31.08 30.00
CA ALA B 109 -8.51 -32.43 30.53
C ALA B 109 -8.31 -33.46 29.42
N LYS B 110 -9.01 -33.27 28.30
CA LYS B 110 -8.87 -34.26 27.22
C LYS B 110 -7.42 -34.30 26.70
N VAL B 111 -6.83 -33.13 26.42
CA VAL B 111 -5.47 -33.13 25.87
C VAL B 111 -4.48 -33.72 26.87
N ALA B 112 -4.59 -33.36 28.15
CA ALA B 112 -3.75 -33.95 29.19
C ALA B 112 -3.82 -35.47 29.17
N ALA B 113 -5.03 -36.02 29.05
CA ALA B 113 -5.15 -37.48 28.97
C ALA B 113 -4.45 -38.03 27.73
N ASN B 114 -4.56 -37.33 26.60
CA ASN B 114 -3.89 -37.75 25.37
C ASN B 114 -2.37 -37.78 25.53
N ILE B 115 -1.81 -36.71 26.11
CA ILE B 115 -0.37 -36.67 26.33
C ILE B 115 0.07 -37.79 27.27
N LYS B 116 -0.67 -38.00 28.36
CA LYS B 116 -0.32 -39.08 29.28
C LYS B 116 -0.33 -40.43 28.57
N GLN B 117 -1.38 -40.70 27.80
CA GLN B 117 -1.40 -41.93 27.01
C GLN B 117 -0.19 -41.99 26.09
N ASN B 118 0.18 -40.88 25.47
CA ASN B 118 1.34 -40.89 24.59
C ASN B 118 2.65 -41.08 25.34
N GLY B 119 2.60 -41.15 26.67
CA GLY B 119 3.81 -41.32 27.46
C GLY B 119 4.51 -40.04 27.77
N GLY B 120 3.82 -38.91 27.69
CA GLY B 120 4.43 -37.64 27.99
C GLY B 120 4.96 -36.95 26.75
N LEU B 121 5.68 -35.86 27.00
CA LEU B 121 6.34 -35.08 25.95
C LEU B 121 7.85 -35.35 26.07
N ASN B 122 8.36 -36.21 25.20
CA ASN B 122 9.76 -36.64 25.27
C ASN B 122 10.50 -36.34 23.98
N SER B 123 9.96 -35.46 23.16
CA SER B 123 10.59 -34.95 21.96
C SER B 123 9.82 -33.70 21.55
N LEU B 124 10.42 -32.93 20.64
CA LEU B 124 9.70 -31.77 20.12
C LEU B 124 8.45 -32.20 19.36
N ASP B 125 8.51 -33.35 18.70
CA ASP B 125 7.39 -33.78 17.88
C ASP B 125 6.21 -34.22 18.73
N ASP B 126 6.47 -34.80 19.90
CA ASP B 126 5.40 -35.15 20.81
C ASP B 126 4.50 -33.95 21.13
N PHE B 127 5.01 -32.72 20.98
CA PHE B 127 4.19 -31.54 21.24
C PHE B 127 2.97 -31.45 20.32
N LYS B 128 2.95 -32.18 19.21
CA LYS B 128 1.75 -32.18 18.39
C LYS B 128 0.57 -32.85 19.12
N VAL B 129 0.84 -33.72 20.09
CA VAL B 129 -0.24 -34.27 20.91
C VAL B 129 -0.85 -33.18 21.79
N LEU B 130 -0.12 -32.10 22.05
CA LEU B 130 -0.68 -30.96 22.76
C LEU B 130 -1.88 -30.35 22.03
N TYR B 131 -1.96 -30.51 20.70
CA TYR B 131 -3.01 -29.85 19.91
C TYR B 131 -3.88 -30.79 19.08
N GLN B 132 -3.37 -31.96 18.69
CA GLN B 132 -4.11 -32.85 17.81
C GLN B 132 -5.50 -33.18 18.36
N ASP B 133 -6.53 -32.87 17.58
CA ASP B 133 -7.92 -33.12 17.94
C ASP B 133 -8.32 -32.42 19.23
N GLY B 134 -7.57 -31.41 19.65
CA GLY B 134 -7.77 -30.77 20.93
C GLY B 134 -8.36 -29.37 20.81
N TRP B 135 -8.82 -28.87 21.95
CA TRP B 135 -9.26 -27.47 22.10
C TRP B 135 -10.42 -27.13 21.17
N LYS B 136 -11.24 -28.12 20.84
CA LYS B 136 -12.37 -27.90 19.93
C LYS B 136 -13.40 -26.96 20.53
N GLY B 137 -13.58 -26.98 21.85
CA GLY B 137 -14.54 -26.08 22.48
C GLY B 137 -14.01 -24.67 22.63
N SER B 138 -12.82 -24.54 23.22
CA SER B 138 -12.30 -23.21 23.53
C SER B 138 -11.65 -22.54 22.32
N VAL B 139 -11.08 -23.31 21.40
CA VAL B 139 -10.46 -22.75 20.20
C VAL B 139 -11.00 -23.53 19.00
N PRO B 140 -12.26 -23.28 18.61
CA PRO B 140 -12.85 -24.08 17.51
C PRO B 140 -12.26 -23.77 16.15
N GLN B 141 -11.64 -22.60 15.95
CA GLN B 141 -10.95 -22.32 14.70
C GLN B 141 -9.67 -23.14 14.56
N GLY B 142 -9.25 -23.84 15.60
CA GLY B 142 -8.03 -24.62 15.55
C GLY B 142 -6.79 -23.75 15.56
N ILE B 143 -5.64 -24.35 15.86
CA ILE B 143 -4.36 -23.66 15.73
C ILE B 143 -4.09 -23.35 14.25
N ALA B 144 -3.36 -22.27 13.99
CA ALA B 144 -3.00 -21.91 12.62
C ALA B 144 -2.27 -23.06 11.91
N ARG B 145 -2.84 -23.53 10.80
CA ARG B 145 -2.26 -24.67 10.08
C ARG B 145 -0.87 -24.33 9.57
N GLY B 146 0.11 -25.19 9.88
CA GLY B 146 1.49 -24.99 9.51
C GLY B 146 2.40 -24.64 10.68
N GLN B 147 1.85 -24.17 11.79
CA GLN B 147 2.67 -23.82 12.96
C GLN B 147 3.38 -25.05 13.50
N SER B 148 2.62 -26.11 13.81
CA SER B 148 3.22 -27.34 14.32
C SER B 148 4.01 -28.08 13.26
N GLU B 149 3.49 -28.13 12.02
CA GLU B 149 4.06 -28.98 10.99
C GLU B 149 5.38 -28.44 10.44
N ASN B 150 5.53 -27.11 10.42
CA ASN B 150 6.71 -26.47 9.84
C ASN B 150 7.51 -25.71 10.90
N TYR B 151 7.54 -26.23 12.14
CA TYR B 151 7.95 -25.41 13.28
C TYR B 151 9.43 -25.04 13.25
N THR B 152 10.26 -25.75 12.49
CA THR B 152 11.69 -25.43 12.42
C THR B 152 12.03 -24.47 11.29
N SER B 153 11.05 -24.05 10.50
CA SER B 153 11.31 -23.21 9.34
C SER B 153 11.85 -21.83 9.74
N ASP B 154 12.99 -21.46 9.17
CA ASP B 154 13.52 -20.11 9.37
C ASP B 154 12.60 -19.05 8.79
N LEU B 155 11.93 -19.34 7.67
CA LEU B 155 11.03 -18.36 7.08
C LEU B 155 9.80 -18.15 7.95
N LEU B 156 9.32 -19.21 8.60
CA LEU B 156 8.26 -19.09 9.60
C LEU B 156 8.68 -18.10 10.70
N PHE B 157 9.85 -18.36 11.29
CA PHE B 157 10.36 -17.52 12.36
C PHE B 157 10.50 -16.07 11.94
N SER B 158 11.06 -15.83 10.74
CA SER B 158 11.24 -14.44 10.32
C SER B 158 9.90 -13.76 10.00
N MET B 159 9.04 -14.47 9.25
CA MET B 159 7.77 -13.89 8.83
C MET B 159 6.82 -13.66 9.99
N GLU B 160 7.06 -14.29 11.14
CA GLU B 160 6.26 -13.97 12.31
C GLU B 160 6.43 -12.51 12.73
N ARG B 161 7.60 -11.91 12.47
CA ARG B 161 7.79 -10.48 12.77
C ARG B 161 6.99 -9.57 11.86
N LEU B 162 6.39 -10.10 10.80
CA LEU B 162 5.60 -9.32 9.86
C LEU B 162 4.12 -9.71 9.93
N SER B 163 3.71 -10.39 10.99
CA SER B 163 2.34 -10.87 11.10
C SER B 163 1.88 -10.99 12.54
N VAL B 164 2.32 -12.04 13.26
CA VAL B 164 1.72 -12.31 14.57
C VAL B 164 2.15 -11.28 15.62
N ASN B 165 3.36 -10.73 15.53
CA ASN B 165 3.73 -9.54 16.28
C ASN B 165 4.50 -8.61 15.38
N PRO B 166 3.80 -7.69 14.72
CA PRO B 166 4.46 -6.85 13.71
C PRO B 166 4.90 -5.50 14.27
N TYR B 167 4.96 -5.38 15.60
CA TYR B 167 5.15 -4.08 16.25
C TYR B 167 6.55 -3.89 16.84
N ILE B 168 7.51 -4.77 16.56
CA ILE B 168 8.85 -4.61 17.11
C ILE B 168 9.89 -4.35 16.01
N LEU B 169 9.65 -4.88 14.82
CA LEU B 169 10.66 -4.84 13.74
C LEU B 169 10.87 -3.43 13.21
N LYS B 170 12.12 -3.14 12.82
CA LYS B 170 12.40 -1.91 12.06
C LYS B 170 13.52 -2.17 11.08
N ARG B 171 13.47 -1.45 9.96
CA ARG B 171 14.56 -1.48 8.99
C ARG B 171 15.69 -0.58 9.47
N LEU B 172 16.93 -1.01 9.24
CA LEU B 172 18.08 -0.17 9.57
C LEU B 172 18.35 0.81 8.43
N HIS B 173 18.36 2.10 8.75
CA HIS B 173 18.79 3.10 7.77
C HIS B 173 20.28 2.93 7.47
N PRO B 174 20.70 3.09 6.21
CA PRO B 174 22.11 2.87 5.87
C PRO B 174 23.08 3.73 6.67
N THR B 175 22.74 4.99 6.95
CA THR B 175 23.68 5.84 7.66
C THR B 175 23.18 6.29 9.03
N GLU B 176 21.87 6.44 9.21
CA GLU B 176 21.31 6.93 10.46
C GLU B 176 21.23 5.86 11.55
N ASP B 177 21.36 4.58 11.21
CA ASP B 177 21.29 3.49 12.19
C ASP B 177 22.57 2.67 12.15
N ALA B 178 23.08 2.31 13.33
CA ALA B 178 24.21 1.40 13.42
C ALA B 178 23.71 -0.04 13.53
N LEU B 179 24.61 -0.98 13.31
CA LEU B 179 24.30 -2.38 13.52
C LEU B 179 24.09 -2.65 15.01
N PRO B 180 23.17 -3.54 15.37
CA PRO B 180 22.96 -3.83 16.81
C PRO B 180 24.11 -4.62 17.42
N PHE B 181 24.78 -5.44 16.62
CA PHE B 181 25.92 -6.24 17.06
C PHE B 181 26.66 -6.72 15.81
N GLN B 182 27.84 -7.27 16.01
CA GLN B 182 28.66 -7.75 14.92
C GLN B 182 28.52 -9.25 14.77
N VAL B 183 28.63 -9.74 13.54
CA VAL B 183 28.59 -11.17 13.25
C VAL B 183 29.83 -11.54 12.46
N ASP B 184 30.40 -12.70 12.78
CA ASP B 184 31.58 -13.24 12.11
C ASP B 184 31.49 -13.06 10.59
N ARG B 185 32.53 -12.45 10.02
CA ARG B 185 32.51 -12.10 8.60
C ARG B 185 32.35 -13.33 7.72
N ALA B 186 33.11 -14.39 8.00
CA ALA B 186 33.01 -15.60 7.21
C ALA B 186 31.63 -16.23 7.34
N THR B 187 31.08 -16.22 8.54
CA THR B 187 29.73 -16.74 8.75
C THR B 187 28.70 -15.98 7.91
N VAL B 188 28.77 -14.65 7.92
CA VAL B 188 27.85 -13.86 7.11
C VAL B 188 28.03 -14.17 5.63
N LYS B 189 29.28 -14.28 5.16
CA LYS B 189 29.51 -14.56 3.75
C LYS B 189 28.91 -15.92 3.36
N GLN B 190 29.10 -16.93 4.21
CA GLN B 190 28.51 -18.24 3.90
C GLN B 190 26.98 -18.19 3.93
N LEU B 191 26.39 -17.41 4.85
CA LEU B 191 24.94 -17.38 4.96
C LEU B 191 24.29 -16.60 3.84
N THR B 192 24.93 -15.51 3.41
CA THR B 192 24.31 -14.52 2.53
C THR B 192 25.04 -14.38 1.20
N LYS B 193 26.27 -14.87 1.09
CA LYS B 193 27.14 -14.62 -0.06
C LYS B 193 27.41 -13.14 -0.26
N THR B 194 27.20 -12.33 0.78
CA THR B 194 27.60 -10.94 0.76
C THR B 194 28.05 -10.54 2.17
N SER B 195 27.92 -9.26 2.53
CA SER B 195 28.46 -8.77 3.80
C SER B 195 27.44 -7.90 4.51
N LEU B 196 27.65 -7.76 5.83
CA LEU B 196 26.78 -6.88 6.62
C LEU B 196 26.89 -5.45 6.14
N LYS B 197 28.09 -5.01 5.78
CA LYS B 197 28.27 -3.66 5.26
C LYS B 197 27.42 -3.42 4.03
N ALA B 198 27.45 -4.37 3.08
CA ALA B 198 26.70 -4.18 1.83
C ALA B 198 25.20 -4.28 2.07
N LEU B 199 24.76 -5.27 2.86
CA LEU B 199 23.34 -5.40 3.17
C LEU B 199 22.82 -4.14 3.86
N HIS B 200 23.59 -3.65 4.84
CA HIS B 200 23.24 -2.41 5.53
C HIS B 200 23.12 -1.27 4.53
N ALA B 201 24.11 -1.12 3.66
CA ALA B 201 24.11 -0.01 2.70
C ALA B 201 22.92 -0.08 1.76
N ALA B 202 22.48 -1.29 1.38
CA ALA B 202 21.33 -1.44 0.50
C ALA B 202 19.99 -1.34 1.24
N GLY B 203 19.99 -1.06 2.53
CA GLY B 203 18.73 -0.99 3.26
C GLY B 203 18.03 -2.31 3.39
N ARG B 204 18.79 -3.41 3.49
CA ARG B 204 18.23 -4.75 3.54
C ARG B 204 18.31 -5.39 4.91
N LEU B 205 18.82 -4.69 5.92
CA LEU B 205 18.90 -5.22 7.27
C LEU B 205 17.73 -4.72 8.10
N PHE B 206 17.22 -5.58 8.97
CA PHE B 206 16.10 -5.26 9.86
C PHE B 206 16.43 -5.83 11.23
N VAL B 207 15.89 -5.21 12.28
CA VAL B 207 16.21 -5.59 13.65
C VAL B 207 14.93 -5.66 14.48
N ALA B 208 14.85 -6.67 15.35
CA ALA B 208 13.83 -6.75 16.39
C ALA B 208 14.58 -6.87 17.71
N ASP B 209 14.47 -5.85 18.56
CA ASP B 209 15.36 -5.70 19.71
C ASP B 209 14.54 -5.90 21.00
N HIS B 210 14.81 -6.98 21.71
CA HIS B 210 14.21 -7.18 23.02
C HIS B 210 15.24 -7.06 24.15
N SER B 211 16.34 -6.32 23.90
CA SER B 211 17.42 -6.29 24.89
C SER B 211 17.05 -5.48 26.12
N TYR B 212 16.00 -4.66 26.05
CA TYR B 212 15.54 -3.96 27.25
C TYR B 212 15.14 -4.95 28.36
N GLN B 213 14.93 -6.23 28.03
CA GLN B 213 14.61 -7.26 29.02
C GLN B 213 15.85 -7.81 29.73
N ARG B 214 17.02 -7.23 29.47
CA ARG B 214 18.28 -7.84 29.90
C ARG B 214 18.36 -7.97 31.41
N ASN B 215 18.11 -6.88 32.14
CA ASN B 215 18.27 -6.86 33.58
C ASN B 215 16.93 -7.00 34.30
N TYR B 216 15.90 -7.52 33.64
CA TYR B 216 14.62 -7.75 34.32
C TYR B 216 14.78 -8.78 35.43
N THR B 217 14.03 -8.59 36.52
CA THR B 217 13.95 -9.65 37.52
C THR B 217 13.23 -10.86 36.92
N ARG B 218 13.80 -12.04 37.09
CA ARG B 218 13.14 -13.27 36.70
C ARG B 218 12.50 -13.92 37.93
N LEU B 219 11.37 -14.59 37.70
CA LEU B 219 10.78 -15.41 38.75
C LEU B 219 11.67 -16.59 39.11
N ALA B 220 11.56 -17.06 40.35
CA ALA B 220 12.36 -18.18 40.80
C ALA B 220 12.14 -19.39 39.89
N ASN B 221 13.24 -19.99 39.45
CA ASN B 221 13.25 -21.18 38.60
C ASN B 221 12.58 -20.93 37.26
N ARG B 222 12.53 -19.68 36.82
CA ARG B 222 12.09 -19.31 35.49
C ARG B 222 13.18 -18.47 34.83
N TYR B 223 13.33 -18.61 33.51
CA TYR B 223 14.45 -18.03 32.80
C TYR B 223 14.00 -17.45 31.48
N SER B 224 14.77 -16.46 31.01
CA SER B 224 14.57 -15.87 29.69
C SER B 224 15.87 -15.18 29.27
N ALA B 225 16.07 -15.10 27.96
CA ALA B 225 17.13 -14.25 27.40
C ALA B 225 16.60 -12.83 27.26
N ALA B 226 17.22 -12.03 26.38
CA ALA B 226 16.77 -10.70 26.03
C ALA B 226 17.24 -10.42 24.60
N CYS B 227 16.77 -11.24 23.68
CA CYS B 227 17.38 -11.37 22.36
C CYS B 227 17.21 -10.13 21.51
N THR B 228 18.23 -9.83 20.72
CA THR B 228 18.14 -8.98 19.55
C THR B 228 18.30 -9.88 18.33
N ALA B 229 17.36 -9.78 17.40
CA ALA B 229 17.38 -10.58 16.19
C ALA B 229 17.66 -9.67 14.99
N LEU B 230 18.62 -10.09 14.17
CA LEU B 230 18.97 -9.44 12.91
C LEU B 230 18.41 -10.26 11.76
N PHE B 231 17.64 -9.60 10.89
CA PHE B 231 17.05 -10.18 9.69
C PHE B 231 17.58 -9.46 8.46
N TYR B 232 17.44 -10.11 7.31
CA TYR B 232 17.76 -9.42 6.07
C TYR B 232 16.79 -9.82 4.97
N LEU B 233 16.63 -8.92 4.01
CA LEU B 233 15.87 -9.18 2.80
C LEU B 233 16.85 -9.70 1.74
N ASP B 234 16.78 -10.99 1.47
CA ASP B 234 17.77 -11.69 0.65
C ASP B 234 17.61 -11.35 -0.83
N PRO B 235 18.64 -10.82 -1.49
CA PRO B 235 18.53 -10.55 -2.93
C PRO B 235 18.34 -11.79 -3.78
N ARG B 236 18.82 -12.95 -3.32
CA ARG B 236 18.76 -14.16 -4.13
C ARG B 236 17.38 -14.80 -4.12
N SER B 237 16.81 -14.99 -2.93
CA SER B 237 15.50 -15.62 -2.78
C SER B 237 14.35 -14.62 -2.77
N ASN B 238 14.65 -13.33 -2.60
CA ASN B 238 13.62 -12.32 -2.40
C ASN B 238 12.74 -12.64 -1.19
N GLN B 239 13.35 -13.23 -0.16
CA GLN B 239 12.64 -13.57 1.06
C GLN B 239 13.27 -12.84 2.25
N PHE B 240 12.41 -12.50 3.22
CA PHE B 240 12.82 -11.88 4.47
C PHE B 240 13.18 -12.99 5.45
N LEU B 241 14.45 -13.08 5.82
CA LEU B 241 15.01 -14.26 6.47
C LEU B 241 15.73 -13.88 7.75
N PRO B 242 15.84 -14.79 8.71
CA PRO B 242 16.64 -14.51 9.89
C PRO B 242 18.12 -14.62 9.59
N LEU B 243 18.92 -13.78 10.24
CA LEU B 243 20.35 -13.75 10.05
C LEU B 243 21.12 -14.10 11.31
N ALA B 244 20.75 -13.51 12.44
CA ALA B 244 21.53 -13.77 13.64
C ALA B 244 20.67 -13.40 14.86
N ILE B 245 20.97 -14.04 15.99
CA ILE B 245 20.26 -13.79 17.24
C ILE B 245 21.29 -13.69 18.36
N LYS B 246 21.27 -12.59 19.10
CA LYS B 246 22.18 -12.40 20.23
C LYS B 246 21.37 -12.33 21.51
N THR B 247 21.81 -13.08 22.54
CA THR B 247 20.97 -13.25 23.74
C THR B 247 20.93 -12.00 24.60
N ASN B 248 22.03 -11.25 24.66
CA ASN B 248 22.19 -10.09 25.54
C ASN B 248 22.11 -10.45 27.03
N VAL B 249 22.32 -11.71 27.39
CA VAL B 249 22.40 -12.12 28.79
C VAL B 249 23.51 -13.15 28.95
N GLY B 250 23.95 -13.33 30.19
CA GLY B 250 24.97 -14.32 30.54
C GLY B 250 26.24 -14.22 29.72
N ALA B 251 26.59 -15.32 29.04
CA ALA B 251 27.76 -15.30 28.16
C ALA B 251 27.58 -14.36 26.97
N ASP B 252 26.34 -13.99 26.66
CA ASP B 252 26.04 -13.03 25.59
C ASP B 252 26.48 -13.55 24.22
N LEU B 253 26.02 -14.77 23.89
CA LEU B 253 26.39 -15.45 22.66
C LEU B 253 25.53 -14.99 21.49
N THR B 254 26.09 -15.12 20.29
CA THR B 254 25.41 -14.80 19.04
C THR B 254 25.25 -16.08 18.22
N TYR B 255 24.03 -16.37 17.79
CA TYR B 255 23.73 -17.55 16.98
C TYR B 255 23.32 -17.14 15.58
N THR B 256 23.57 -18.03 14.62
CA THR B 256 23.12 -17.88 13.24
C THR B 256 22.61 -19.23 12.78
N PRO B 257 21.98 -19.34 11.60
CA PRO B 257 21.51 -20.65 11.14
C PRO B 257 22.60 -21.69 10.99
N LEU B 258 23.87 -21.31 11.07
CA LEU B 258 24.97 -22.27 10.99
C LEU B 258 25.16 -23.05 12.28
N ASP B 259 24.65 -22.55 13.41
CA ASP B 259 24.86 -23.21 14.70
C ASP B 259 23.88 -24.38 14.85
N THR B 260 24.09 -25.40 14.02
CA THR B 260 23.22 -26.58 14.07
C THR B 260 23.59 -27.52 15.20
N ASP B 261 24.81 -27.43 15.74
CA ASP B 261 25.22 -28.26 16.85
C ASP B 261 24.32 -28.02 18.07
N ASN B 262 23.94 -29.11 18.74
CA ASN B 262 23.13 -29.07 19.94
C ASN B 262 21.78 -28.38 19.73
N ASN B 263 21.34 -28.30 18.47
CA ASN B 263 20.14 -27.57 18.09
C ASN B 263 20.17 -26.11 18.54
N ASN B 264 21.38 -25.54 18.66
CA ASN B 264 21.55 -24.18 19.18
C ASN B 264 20.66 -23.16 18.45
N TRP B 265 20.74 -23.12 17.12
CA TRP B 265 19.94 -22.14 16.38
C TRP B 265 18.47 -22.29 16.71
N LEU B 266 18.00 -23.54 16.77
CA LEU B 266 16.60 -23.78 17.14
C LEU B 266 16.31 -23.13 18.48
N LEU B 267 17.18 -23.37 19.46
CA LEU B 267 16.98 -22.80 20.78
C LEU B 267 16.98 -21.29 20.72
N ALA B 268 17.89 -20.72 19.92
CA ALA B 268 17.94 -19.27 19.79
C ALA B 268 16.58 -18.73 19.38
N LYS B 269 15.95 -19.39 18.39
CA LYS B 269 14.64 -18.94 17.95
C LYS B 269 13.63 -19.05 19.10
N ILE B 270 13.65 -20.19 19.79
CA ILE B 270 12.82 -20.37 20.98
C ILE B 270 12.98 -19.19 21.92
N MET B 271 14.24 -18.87 22.26
CA MET B 271 14.48 -17.81 23.22
C MET B 271 13.92 -16.50 22.71
N PHE B 272 14.14 -16.21 21.42
CA PHE B 272 13.59 -14.98 20.88
C PHE B 272 12.08 -14.97 20.99
N ASN B 273 11.43 -16.07 20.58
CA ASN B 273 9.97 -16.09 20.61
C ASN B 273 9.47 -15.87 22.02
N ASN B 274 10.20 -16.41 23.01
CA ASN B 274 9.84 -16.18 24.40
C ASN B 274 9.81 -14.69 24.69
N ASN B 275 10.94 -14.02 24.43
CA ASN B 275 11.01 -12.58 24.63
C ASN B 275 9.90 -11.88 23.86
N ASP B 276 9.68 -12.34 22.62
CA ASP B 276 8.78 -11.61 21.74
C ASP B 276 7.35 -11.74 22.25
N LEU B 277 7.03 -12.92 22.81
CA LEU B 277 5.67 -13.13 23.28
C LEU B 277 5.39 -12.22 24.47
N PHE B 278 6.38 -12.04 25.35
CA PHE B 278 6.18 -11.10 26.44
C PHE B 278 5.91 -9.72 25.87
N HIS B 279 6.73 -9.32 24.90
CA HIS B 279 6.62 -7.99 24.33
C HIS B 279 5.23 -7.74 23.77
N GLY B 280 4.82 -8.59 22.83
CA GLY B 280 3.53 -8.41 22.20
C GLY B 280 2.41 -8.34 23.20
N GLN B 281 2.52 -9.11 24.28
CA GLN B 281 1.38 -9.16 25.19
C GLN B 281 1.34 -7.93 26.09
N ILE B 282 2.49 -7.42 26.51
CA ILE B 282 2.41 -6.25 27.38
C ILE B 282 2.32 -4.96 26.56
N PHE B 283 2.93 -4.94 25.38
CA PHE B 283 2.73 -3.83 24.44
C PHE B 283 1.24 -3.54 24.24
N HIS B 284 0.44 -4.60 24.08
CA HIS B 284 -0.96 -4.36 23.76
C HIS B 284 -1.75 -3.81 24.93
N VAL B 285 -1.18 -3.79 26.14
CA VAL B 285 -1.82 -3.10 27.27
C VAL B 285 -1.93 -1.61 26.96
N ALA B 286 -0.89 -1.03 26.35
CA ALA B 286 -0.93 0.37 25.97
C ALA B 286 -1.65 0.56 24.64
N TYR B 287 -1.34 -0.29 23.67
CA TYR B 287 -1.85 -0.18 22.32
C TYR B 287 -2.50 -1.51 21.97
N PRO B 288 -3.84 -1.59 21.98
CA PRO B 288 -4.83 -0.49 22.03
C PRO B 288 -5.47 -0.11 23.36
N HIS B 289 -5.37 -0.93 24.40
CA HIS B 289 -6.24 -0.74 25.57
C HIS B 289 -6.15 0.64 26.22
N ALA B 290 -4.99 1.00 26.80
CA ALA B 290 -4.91 2.25 27.54
C ALA B 290 -5.23 3.47 26.66
N ILE B 291 -4.79 3.43 25.40
CA ILE B 291 -4.99 4.57 24.49
C ILE B 291 -6.47 4.79 24.23
N ALA B 292 -7.14 3.73 23.78
CA ALA B 292 -8.58 3.82 23.51
C ALA B 292 -9.33 4.25 24.74
N GLU B 293 -8.97 3.69 25.90
CA GLU B 293 -9.68 4.01 27.14
C GLU B 293 -9.58 5.49 27.50
N ILE B 294 -8.39 6.08 27.36
CA ILE B 294 -8.29 7.48 27.79
C ILE B 294 -8.94 8.41 26.78
N VAL B 295 -8.79 8.13 25.46
CA VAL B 295 -9.48 8.96 24.46
C VAL B 295 -10.99 8.91 24.68
N HIS B 296 -11.51 7.72 24.97
CA HIS B 296 -12.94 7.57 25.18
C HIS B 296 -13.38 8.23 26.48
N LEU B 297 -12.57 8.10 27.54
CA LEU B 297 -12.91 8.75 28.80
C LEU B 297 -13.02 10.25 28.61
N ALA B 298 -12.08 10.83 27.86
CA ALA B 298 -12.19 12.25 27.55
C ALA B 298 -13.49 12.55 26.82
N ALA B 299 -13.91 11.67 25.91
CA ALA B 299 -15.17 11.89 25.20
C ALA B 299 -16.37 11.84 26.15
N LEU B 300 -16.42 10.84 27.03
CA LEU B 300 -17.56 10.69 27.92
C LEU B 300 -17.71 11.87 28.88
N ARG B 301 -16.61 12.55 29.19
CA ARG B 301 -16.71 13.70 30.08
C ARG B 301 -17.19 14.96 29.36
N THR B 302 -17.21 14.97 28.03
CA THR B 302 -17.46 16.20 27.29
C THR B 302 -18.67 16.16 26.36
N MET B 303 -19.08 14.99 25.90
CA MET B 303 -20.14 14.88 24.91
C MET B 303 -21.37 14.24 25.52
N SER B 304 -22.54 14.64 25.02
CA SER B 304 -23.80 14.10 25.53
C SER B 304 -23.95 12.63 25.14
N ALA B 305 -24.62 11.88 26.02
CA ALA B 305 -25.02 10.51 25.69
C ALA B 305 -25.84 10.45 24.42
N ARG B 306 -26.51 11.55 24.04
CA ARG B 306 -27.28 11.56 22.81
C ARG B 306 -26.49 12.07 21.62
N HIS B 307 -25.20 12.34 21.79
CA HIS B 307 -24.38 12.78 20.68
C HIS B 307 -24.09 11.59 19.76
N PRO B 308 -24.32 11.71 18.45
CA PRO B 308 -24.07 10.56 17.56
C PRO B 308 -22.65 10.04 17.62
N VAL B 309 -21.66 10.94 17.71
CA VAL B 309 -20.26 10.49 17.73
C VAL B 309 -19.97 9.73 19.02
N LEU B 310 -20.49 10.20 20.15
CA LEU B 310 -20.26 9.46 21.39
C LEU B 310 -20.97 8.11 21.38
N ALA B 311 -22.18 8.04 20.81
CA ALA B 311 -22.87 6.75 20.66
C ALA B 311 -22.04 5.77 19.84
N LEU B 312 -21.43 6.24 18.74
CA LEU B 312 -20.57 5.38 17.93
C LEU B 312 -19.36 4.89 18.73
N MET B 313 -18.68 5.81 19.44
CA MET B 313 -17.53 5.37 20.24
C MET B 313 -17.93 4.44 21.37
N GLU B 314 -19.09 4.66 21.98
CA GLU B 314 -19.61 3.75 23.00
C GLU B 314 -19.79 2.37 22.42
N ARG B 315 -20.25 2.29 21.16
CA ARG B 315 -20.30 1.01 20.48
C ARG B 315 -18.93 0.35 20.42
N LEU B 316 -17.92 1.09 19.91
CA LEU B 316 -16.59 0.49 19.81
C LEU B 316 -15.98 0.16 21.17
N MET B 317 -16.36 0.89 22.23
CA MET B 317 -15.75 0.72 23.53
C MET B 317 -16.49 -0.29 24.40
N TYR B 318 -17.36 -1.10 23.79
CA TYR B 318 -18.08 -2.14 24.51
C TYR B 318 -17.13 -2.96 25.39
N GLN B 319 -17.46 -3.05 26.68
CA GLN B 319 -16.76 -3.83 27.70
C GLN B 319 -15.33 -3.36 28.00
N ALA B 320 -14.87 -2.24 27.41
CA ALA B 320 -13.43 -1.92 27.45
C ALA B 320 -12.92 -1.78 28.89
N TYR B 321 -13.71 -1.14 29.76
CA TYR B 321 -13.20 -0.80 31.08
C TYR B 321 -13.24 -1.98 32.04
N ALA B 322 -13.44 -3.18 31.51
CA ALA B 322 -13.27 -4.38 32.30
C ALA B 322 -11.84 -4.86 32.30
N VAL B 323 -11.07 -4.52 31.25
CA VAL B 323 -9.86 -5.29 30.96
C VAL B 323 -8.77 -5.02 32.01
N ARG B 324 -8.52 -3.76 32.32
CA ARG B 324 -7.40 -3.48 33.23
C ARG B 324 -7.72 -3.79 34.68
N PRO B 325 -8.97 -3.62 35.15
CA PRO B 325 -9.30 -4.15 36.48
C PRO B 325 -9.09 -5.66 36.60
N LEU B 326 -9.62 -6.44 35.65
CA LEU B 326 -9.38 -7.89 35.62
C LEU B 326 -7.88 -8.19 35.61
N GLY B 327 -7.14 -7.51 34.75
CA GLY B 327 -5.70 -7.66 34.76
C GLY B 327 -5.09 -7.47 36.14
N GLU B 328 -5.56 -6.46 36.88
CA GLU B 328 -4.99 -6.25 38.21
C GLU B 328 -5.40 -7.36 39.16
N ARG B 329 -6.58 -7.94 38.98
CA ARG B 329 -7.10 -8.84 40.00
C ARG B 329 -6.78 -10.30 39.73
N VAL B 330 -6.82 -10.75 38.48
CA VAL B 330 -6.66 -12.16 38.16
C VAL B 330 -5.47 -12.46 37.26
N LEU B 331 -4.94 -11.49 36.51
CA LEU B 331 -3.84 -11.78 35.58
C LEU B 331 -2.49 -11.39 36.15
N PHE B 332 -2.30 -10.10 36.46
CA PHE B 332 -1.00 -9.60 36.89
C PHE B 332 -0.87 -9.49 38.41
N ASN B 333 -1.82 -10.03 39.17
CA ASN B 333 -1.68 -10.05 40.62
C ASN B 333 -0.55 -10.97 41.04
N LYS B 334 -0.05 -10.75 42.26
CA LYS B 334 0.98 -11.63 42.79
C LYS B 334 0.46 -13.05 42.89
N GLY B 335 1.18 -13.99 42.29
CA GLY B 335 0.73 -15.36 42.24
C GLY B 335 -0.33 -15.66 41.21
N GLY B 336 -0.74 -14.67 40.41
CA GLY B 336 -1.78 -14.85 39.43
C GLY B 336 -1.30 -15.57 38.18
N LEU B 337 -2.16 -15.54 37.16
CA LEU B 337 -1.96 -16.37 35.96
C LEU B 337 -0.67 -16.01 35.22
N PHE B 338 -0.36 -14.71 35.12
CA PHE B 338 0.87 -14.30 34.45
C PHE B 338 2.08 -14.94 35.11
N GLU B 339 2.29 -14.66 36.40
CA GLU B 339 3.42 -15.25 37.11
C GLU B 339 3.34 -16.77 37.14
N GLN B 340 2.15 -17.35 36.99
CA GLN B 340 2.03 -18.80 36.94
C GLN B 340 2.50 -19.38 35.61
N ASN B 341 2.60 -18.57 34.55
CA ASN B 341 3.03 -19.09 33.25
C ASN B 341 4.21 -18.36 32.59
N PHE B 342 4.50 -17.11 32.94
CA PHE B 342 5.55 -16.35 32.30
C PHE B 342 6.82 -16.37 33.15
N ALA B 343 7.83 -15.61 32.74
CA ALA B 343 9.11 -15.67 33.43
C ALA B 343 9.35 -14.48 34.35
N TYR B 344 8.46 -13.49 34.35
CA TYR B 344 8.70 -12.25 35.05
C TYR B 344 7.64 -12.01 36.12
N PRO B 345 8.00 -11.31 37.19
CA PRO B 345 7.01 -10.91 38.19
C PRO B 345 6.26 -9.65 37.76
N GLN B 346 5.20 -9.37 38.53
CA GLN B 346 4.29 -8.25 38.24
C GLN B 346 5.02 -6.94 38.04
N ASP B 347 6.00 -6.63 38.91
CA ASP B 347 6.64 -5.32 38.82
C ASP B 347 7.42 -5.13 37.52
N MET B 348 7.85 -6.21 36.86
CA MET B 348 8.45 -6.07 35.53
C MET B 348 7.43 -5.76 34.44
N VAL B 349 6.21 -6.31 34.58
CA VAL B 349 5.12 -5.91 33.70
C VAL B 349 4.88 -4.42 33.83
N TYR B 350 4.73 -3.95 35.07
CA TYR B 350 4.49 -2.53 35.29
C TYR B 350 5.66 -1.68 34.81
N LYS B 351 6.89 -2.18 34.98
CA LYS B 351 8.05 -1.44 34.50
C LYS B 351 7.99 -1.28 32.99
N PHE B 352 7.73 -2.38 32.28
CA PHE B 352 7.63 -2.32 30.83
C PHE B 352 6.57 -1.32 30.38
N VAL B 353 5.39 -1.40 31.00
CA VAL B 353 4.31 -0.47 30.66
C VAL B 353 4.77 0.98 30.82
N GLY B 354 5.36 1.30 31.97
CA GLY B 354 5.78 2.68 32.21
C GLY B 354 6.89 3.12 31.28
N ASP B 355 7.81 2.20 30.95
CA ASP B 355 8.92 2.52 30.04
C ASP B 355 8.42 2.77 28.63
N SER B 356 7.40 2.05 28.19
CA SER B 356 7.00 2.11 26.79
C SER B 356 5.88 3.09 26.52
N TYR B 357 5.03 3.37 27.51
CA TYR B 357 3.86 4.19 27.25
C TYR B 357 4.17 5.56 26.65
N PRO B 358 5.21 6.30 27.07
CA PRO B 358 5.50 7.57 26.40
C PRO B 358 5.74 7.41 24.91
N THR B 359 6.08 6.21 24.46
CA THR B 359 6.22 5.88 23.04
C THR B 359 4.95 5.25 22.47
N THR B 360 4.54 4.12 23.04
CA THR B 360 3.44 3.36 22.46
C THR B 360 2.09 4.03 22.65
N GLY B 361 1.95 4.92 23.62
CA GLY B 361 0.68 5.60 23.82
C GLY B 361 0.44 6.82 22.95
N ARG B 362 1.33 7.11 22.00
CA ARG B 362 1.21 8.30 21.16
C ARG B 362 0.15 8.08 20.08
N TRP B 363 -0.91 8.90 20.11
CA TRP B 363 -2.09 8.64 19.28
C TRP B 363 -1.78 8.71 17.79
N ARG B 364 -1.31 9.87 17.31
CA ARG B 364 -1.08 10.02 15.87
C ARG B 364 0.08 9.14 15.38
N ALA B 365 1.09 8.93 16.22
CA ALA B 365 2.23 8.10 15.81
C ALA B 365 1.82 6.65 15.55
N GLY B 366 0.78 6.17 16.21
CA GLY B 366 0.31 4.81 16.02
C GLY B 366 -0.71 4.59 14.92
N TYR B 367 -1.12 5.63 14.17
CA TYR B 367 -1.91 5.39 12.97
C TYR B 367 -1.18 4.36 12.11
N LEU B 368 -1.95 3.45 11.51
CA LEU B 368 -1.35 2.29 10.84
C LEU B 368 -0.21 2.67 9.90
N ASP B 369 -0.53 3.50 8.90
CA ASP B 369 0.46 3.90 7.89
C ASP B 369 1.63 4.64 8.53
N THR B 370 1.33 5.54 9.47
CA THR B 370 2.38 6.34 10.09
C THR B 370 3.40 5.45 10.77
N ASP B 371 2.91 4.48 11.56
CA ASP B 371 3.80 3.58 12.30
C ASP B 371 4.62 2.70 11.35
N VAL B 372 4.00 2.06 10.35
CA VAL B 372 4.82 1.20 9.49
C VAL B 372 5.81 2.01 8.67
N ARG B 373 5.45 3.24 8.27
CA ARG B 373 6.41 4.07 7.55
C ARG B 373 7.56 4.52 8.45
N ALA B 374 7.26 4.90 9.70
CA ALA B 374 8.31 5.36 10.60
C ALA B 374 9.34 4.28 10.87
N ARG B 375 8.91 3.03 10.86
CA ARG B 375 9.81 1.89 11.08
C ARG B 375 10.41 1.38 9.78
N GLY B 376 10.24 2.10 8.68
CA GLY B 376 10.87 1.72 7.42
C GLY B 376 10.32 0.45 6.81
N LEU B 377 9.13 0.01 7.22
CA LEU B 377 8.60 -1.23 6.70
C LEU B 377 7.73 -1.04 5.47
N VAL B 378 7.29 0.19 5.21
CA VAL B 378 6.43 0.53 4.09
C VAL B 378 6.93 1.86 3.52
N ASP B 379 7.03 1.95 2.19
CA ASP B 379 7.40 3.17 1.47
C ASP B 379 8.81 3.68 1.82
N ALA B 380 9.68 2.84 2.37
CA ALA B 380 11.02 3.30 2.71
C ALA B 380 11.77 3.77 1.47
N ASP B 381 12.31 5.01 1.50
CA ASP B 381 13.10 5.43 0.36
C ASP B 381 14.50 4.83 0.38
N TYR B 382 14.89 4.16 1.46
CA TYR B 382 16.26 3.73 1.67
C TYR B 382 16.43 2.22 1.63
N GLY B 383 15.43 1.49 1.17
CA GLY B 383 15.55 0.06 1.02
C GLY B 383 14.44 -0.51 0.16
N PRO B 384 14.66 -1.70 -0.40
CA PRO B 384 13.64 -2.30 -1.26
C PRO B 384 12.40 -2.70 -0.48
N GLU B 385 11.26 -2.70 -1.17
CA GLU B 385 10.00 -3.02 -0.53
C GLU B 385 9.96 -4.48 -0.09
N LEU B 386 9.39 -4.73 1.08
CA LEU B 386 9.17 -6.10 1.53
C LEU B 386 8.21 -6.81 0.57
N PRO B 387 8.58 -7.95 -0.02
CA PRO B 387 7.65 -8.64 -0.93
C PRO B 387 6.37 -9.10 -0.24
N HIS B 388 6.46 -9.52 1.03
CA HIS B 388 5.30 -9.98 1.79
C HIS B 388 5.30 -9.32 3.15
N PHE B 389 4.18 -8.66 3.48
CA PHE B 389 3.98 -8.03 4.77
C PHE B 389 2.52 -8.27 5.13
N PRO B 390 2.20 -9.48 5.60
CA PRO B 390 0.78 -9.86 5.70
C PRO B 390 -0.05 -9.00 6.65
N PHE B 391 0.53 -8.62 7.80
CA PHE B 391 -0.14 -7.70 8.71
C PHE B 391 -0.57 -6.43 7.99
N TYR B 392 0.36 -5.84 7.21
CA TYR B 392 0.03 -4.59 6.55
C TYR B 392 -0.95 -4.80 5.39
N GLU B 393 -0.80 -5.87 4.64
CA GLU B 393 -1.72 -6.12 3.53
C GLU B 393 -3.16 -6.25 4.03
N ASP B 394 -3.38 -7.17 4.99
CA ASP B 394 -4.73 -7.34 5.55
C ASP B 394 -5.18 -6.06 6.26
N GLY B 395 -4.29 -5.47 7.04
CA GLY B 395 -4.67 -4.33 7.87
C GLY B 395 -5.05 -3.12 7.06
N SER B 396 -4.25 -2.80 6.04
CA SER B 396 -4.57 -1.64 5.21
C SER B 396 -5.89 -1.84 4.50
N ARG B 397 -6.17 -3.07 4.01
CA ARG B 397 -7.48 -3.27 3.40
C ARG B 397 -8.62 -3.03 4.41
N LEU B 398 -8.47 -3.54 5.64
CA LEU B 398 -9.50 -3.32 6.65
C LEU B 398 -9.67 -1.83 6.96
N VAL B 399 -8.57 -1.11 7.11
CA VAL B 399 -8.65 0.32 7.39
C VAL B 399 -9.42 1.03 6.30
N GLU B 400 -9.21 0.63 5.03
CA GLU B 400 -9.94 1.26 3.94
C GLU B 400 -11.45 0.99 4.02
N VAL B 401 -11.86 -0.25 4.36
CA VAL B 401 -13.29 -0.56 4.52
C VAL B 401 -13.90 0.24 5.67
N ILE B 402 -13.21 0.25 6.82
CA ILE B 402 -13.66 1.05 7.96
C ILE B 402 -13.78 2.52 7.57
N ARG B 403 -12.75 3.05 6.92
CA ARG B 403 -12.72 4.47 6.57
C ARG B 403 -13.87 4.83 5.63
N ARG B 404 -14.20 3.97 4.67
CA ARG B 404 -15.38 4.21 3.82
C ARG B 404 -16.64 4.38 4.67
N PHE B 405 -16.87 3.44 5.60
CA PHE B 405 -18.07 3.62 6.44
C PHE B 405 -18.00 4.92 7.24
N VAL B 406 -16.86 5.19 7.88
CA VAL B 406 -16.75 6.34 8.78
C VAL B 406 -16.92 7.65 8.02
N ARG B 407 -16.40 7.71 6.79
CA ARG B 407 -16.60 8.88 5.96
C ARG B 407 -18.08 9.09 5.69
N SER B 408 -18.79 8.00 5.35
CA SER B 408 -20.23 8.16 5.17
C SER B 408 -20.90 8.64 6.45
N PHE B 409 -20.44 8.11 7.60
CA PHE B 409 -21.05 8.47 8.88
C PHE B 409 -20.85 9.95 9.20
N VAL B 410 -19.62 10.43 9.08
CA VAL B 410 -19.31 11.83 9.38
C VAL B 410 -20.02 12.75 8.40
N ASP B 411 -20.04 12.37 7.10
CA ASP B 411 -20.70 13.21 6.10
C ASP B 411 -22.19 13.34 6.38
N ALA B 412 -22.86 12.23 6.69
CA ALA B 412 -24.28 12.33 6.99
C ALA B 412 -24.52 13.09 8.29
N THR B 413 -23.72 12.79 9.32
CA THR B 413 -23.91 13.38 10.64
C THR B 413 -23.75 14.90 10.59
N TYR B 414 -22.71 15.38 9.92
CA TYR B 414 -22.42 16.80 9.84
C TYR B 414 -22.89 17.43 8.53
N HIS B 415 -23.79 16.75 7.81
CA HIS B 415 -24.41 17.28 6.60
C HIS B 415 -23.37 17.80 5.61
N GLU B 416 -22.26 17.06 5.48
CA GLU B 416 -21.19 17.35 4.53
C GLU B 416 -20.57 18.73 4.75
N SER B 417 -20.60 19.23 5.98
CA SER B 417 -20.14 20.58 6.30
C SER B 417 -18.99 20.52 7.30
N ASP B 418 -17.81 20.99 6.89
CA ASP B 418 -16.68 21.15 7.81
C ASP B 418 -17.00 22.15 8.91
N GLU B 419 -17.71 23.24 8.54
CA GLU B 419 -18.06 24.26 9.53
C GLU B 419 -18.93 23.67 10.64
N MET B 420 -19.81 22.73 10.30
CA MET B 420 -20.63 22.12 11.33
C MET B 420 -19.80 21.27 12.29
N VAL B 421 -18.74 20.64 11.78
CA VAL B 421 -17.78 19.99 12.67
C VAL B 421 -17.11 21.03 13.57
N ALA B 422 -16.57 22.09 12.97
CA ALA B 422 -15.89 23.14 13.74
C ALA B 422 -16.80 23.76 14.81
N LYS B 423 -18.07 23.95 14.49
CA LYS B 423 -18.98 24.61 15.43
C LYS B 423 -19.57 23.66 16.46
N ASP B 424 -19.25 22.38 16.39
CA ASP B 424 -19.76 21.42 17.37
C ASP B 424 -18.99 21.64 18.67
N ALA B 425 -19.61 22.35 19.62
CA ALA B 425 -18.88 22.70 20.84
C ALA B 425 -18.52 21.47 21.69
N GLU B 426 -19.33 20.41 21.63
CA GLU B 426 -19.01 19.22 22.43
C GLU B 426 -17.84 18.46 21.82
N LEU B 427 -17.79 18.35 20.49
CA LEU B 427 -16.64 17.74 19.85
C LEU B 427 -15.36 18.49 20.21
N GLN B 428 -15.41 19.82 20.13
CA GLN B 428 -14.23 20.61 20.45
C GLN B 428 -13.85 20.49 21.92
N ALA B 429 -14.85 20.40 22.79
CA ALA B 429 -14.57 20.16 24.21
C ALA B 429 -13.86 18.83 24.39
N TRP B 430 -14.28 17.81 23.64
CA TRP B 430 -13.60 16.52 23.73
C TRP B 430 -12.14 16.64 23.32
N VAL B 431 -11.88 17.28 22.16
CA VAL B 431 -10.49 17.43 21.70
C VAL B 431 -9.64 18.21 22.71
N ALA B 432 -10.19 19.29 23.27
CA ALA B 432 -9.46 20.06 24.26
C ALA B 432 -9.22 19.25 25.53
N GLU B 433 -10.19 18.44 25.93
CA GLU B 433 -10.05 17.58 27.10
C GLU B 433 -8.98 16.52 26.89
N ALA B 434 -8.98 15.87 25.71
CA ALA B 434 -7.96 14.88 25.40
C ALA B 434 -6.58 15.49 25.42
N ASN B 435 -6.42 16.68 24.81
CA ASN B 435 -5.10 17.31 24.80
C ASN B 435 -4.72 17.92 26.14
N GLY B 436 -5.68 18.16 27.02
CA GLY B 436 -5.41 18.85 28.27
C GLY B 436 -5.46 17.95 29.49
N PRO B 437 -6.55 18.02 30.26
CA PRO B 437 -6.61 17.27 31.53
C PRO B 437 -6.49 15.76 31.36
N ALA B 438 -6.99 15.18 30.26
CA ALA B 438 -6.92 13.73 30.12
C ALA B 438 -5.50 13.25 29.84
N GLY B 439 -4.64 14.12 29.32
CA GLY B 439 -3.25 13.76 29.09
C GLY B 439 -3.02 12.77 27.96
N VAL B 440 -3.87 12.76 26.94
CA VAL B 440 -3.60 11.92 25.79
C VAL B 440 -2.32 12.39 25.11
N GLU B 441 -1.47 11.43 24.78
CA GLU B 441 -0.20 11.71 24.12
C GLU B 441 -0.38 11.83 22.62
N ASP B 442 0.09 12.94 22.06
CA ASP B 442 0.18 13.10 20.61
C ASP B 442 -1.19 12.94 19.96
N PHE B 443 -2.22 13.50 20.60
CA PHE B 443 -3.56 13.46 20.03
C PHE B 443 -3.65 14.48 18.88
N GLU B 444 -4.76 14.44 18.15
CA GLU B 444 -5.00 15.42 17.11
C GLU B 444 -5.12 16.81 17.74
N PRO B 445 -4.35 17.79 17.26
CA PRO B 445 -4.41 19.13 17.88
C PRO B 445 -5.76 19.78 17.64
N GLY B 446 -6.23 20.52 18.63
CA GLY B 446 -7.46 21.27 18.49
C GLY B 446 -7.20 22.66 17.96
N PRO B 447 -8.21 23.28 17.33
CA PRO B 447 -9.56 22.73 17.09
C PRO B 447 -9.60 21.73 15.93
N LEU B 448 -10.58 20.82 15.96
CA LEU B 448 -10.77 19.83 14.91
C LEU B 448 -11.85 20.39 13.99
N ASP B 449 -11.41 21.01 12.88
CA ASP B 449 -12.28 21.86 12.08
C ASP B 449 -12.75 21.23 10.78
N THR B 450 -12.40 19.97 10.49
CA THR B 450 -12.80 19.37 9.23
C THR B 450 -13.34 17.96 9.45
N ARG B 451 -14.27 17.57 8.57
CA ARG B 451 -14.76 16.21 8.54
C ARG B 451 -13.62 15.22 8.33
N GLU B 452 -12.65 15.56 7.48
CA GLU B 452 -11.58 14.62 7.17
C GLU B 452 -10.80 14.23 8.44
N ARG B 453 -10.50 15.18 9.31
CA ARG B 453 -9.75 14.86 10.52
C ARG B 453 -10.59 14.03 11.48
N LEU B 454 -11.88 14.35 11.63
CA LEU B 454 -12.74 13.50 12.47
C LEU B 454 -12.79 12.08 11.94
N VAL B 455 -12.83 11.94 10.61
CA VAL B 455 -12.81 10.60 10.01
C VAL B 455 -11.53 9.89 10.39
N GLU B 456 -10.40 10.61 10.40
CA GLU B 456 -9.14 9.99 10.83
C GLU B 456 -9.24 9.46 12.25
N VAL B 457 -9.76 10.28 13.17
CA VAL B 457 -9.81 9.88 14.57
C VAL B 457 -10.70 8.67 14.76
N LEU B 458 -11.93 8.72 14.22
CA LEU B 458 -12.86 7.61 14.44
C LEU B 458 -12.40 6.35 13.73
N THR B 459 -11.79 6.49 12.55
CA THR B 459 -11.25 5.32 11.84
C THR B 459 -10.17 4.66 12.67
N HIS B 460 -9.33 5.47 13.34
CA HIS B 460 -8.30 4.87 14.18
C HIS B 460 -8.91 4.19 15.41
N MET B 461 -9.92 4.80 16.02
CA MET B 461 -10.63 4.11 17.11
C MET B 461 -11.10 2.73 16.69
N ALA B 462 -11.80 2.64 15.55
CA ALA B 462 -12.33 1.35 15.08
C ALA B 462 -11.20 0.38 14.75
N TRP B 463 -10.09 0.90 14.23
CA TRP B 463 -8.95 0.04 13.95
C TRP B 463 -8.36 -0.54 15.25
N LEU B 464 -8.26 0.28 16.30
CA LEU B 464 -7.77 -0.19 17.60
C LEU B 464 -8.66 -1.30 18.15
N THR B 465 -9.98 -1.06 18.22
CA THR B 465 -10.82 -2.02 18.95
C THR B 465 -11.21 -3.23 18.10
N GLY B 466 -11.29 -3.07 16.78
CA GLY B 466 -11.74 -4.16 15.93
C GLY B 466 -10.65 -4.91 15.16
N CYS B 467 -9.41 -4.43 15.18
CA CYS B 467 -8.36 -5.08 14.39
C CYS B 467 -7.05 -5.26 15.16
N ALA B 468 -6.40 -4.17 15.56
CA ALA B 468 -5.07 -4.24 16.16
C ALA B 468 -5.07 -5.13 17.42
N HIS B 469 -6.08 -4.96 18.27
CA HIS B 469 -6.16 -5.77 19.49
C HIS B 469 -6.00 -7.25 19.16
N HIS B 470 -6.67 -7.70 18.10
CA HIS B 470 -6.71 -9.10 17.72
C HIS B 470 -5.49 -9.53 16.92
N VAL B 471 -4.73 -8.59 16.39
CA VAL B 471 -3.38 -8.94 15.94
C VAL B 471 -2.52 -9.33 17.13
N LEU B 472 -2.59 -8.57 18.22
CA LEU B 472 -1.63 -8.94 19.26
C LEU B 472 -2.16 -10.00 20.24
N ASN B 473 -3.40 -9.83 20.69
CA ASN B 473 -3.98 -10.62 21.77
C ASN B 473 -5.15 -11.42 21.20
N GLN B 474 -6.29 -11.47 21.90
CA GLN B 474 -7.47 -12.26 21.49
C GLN B 474 -6.98 -13.69 21.19
N GLY B 475 -7.31 -14.26 20.03
CA GLY B 475 -6.88 -15.62 19.73
C GLY B 475 -5.50 -15.77 19.11
N GLU B 476 -4.78 -14.66 18.89
CA GLU B 476 -3.46 -14.75 18.27
C GLU B 476 -2.48 -15.60 19.07
N PRO B 477 -2.31 -15.38 20.39
CA PRO B 477 -1.34 -16.22 21.12
C PRO B 477 -1.64 -17.71 21.05
N VAL B 478 -2.87 -18.14 21.36
CA VAL B 478 -3.10 -19.59 21.44
C VAL B 478 -2.99 -20.25 20.06
N THR B 479 -3.31 -19.52 18.98
CA THR B 479 -3.30 -20.10 17.63
C THR B 479 -1.99 -19.91 16.89
N ALA B 480 -1.12 -18.99 17.33
CA ALA B 480 0.08 -18.73 16.55
C ALA B 480 1.29 -18.33 17.40
N SER B 481 1.24 -17.15 18.01
CA SER B 481 2.41 -16.55 18.65
C SER B 481 2.71 -17.15 20.01
N GLY B 482 1.86 -18.04 20.52
CA GLY B 482 2.13 -18.79 21.74
C GLY B 482 2.00 -20.30 21.54
N VAL B 483 2.23 -20.78 20.32
CA VAL B 483 2.15 -22.21 20.02
C VAL B 483 3.46 -22.88 20.43
N LEU B 484 3.36 -23.96 21.18
CA LEU B 484 4.54 -24.72 21.61
C LEU B 484 4.90 -25.75 20.54
N PRO B 485 6.19 -26.15 20.47
CA PRO B 485 7.28 -25.81 21.39
C PRO B 485 8.01 -24.49 21.11
N MET B 486 7.73 -23.84 19.97
CA MET B 486 8.54 -22.70 19.55
C MET B 486 8.25 -21.42 20.33
N HIS B 487 7.10 -21.31 21.00
CA HIS B 487 6.70 -20.07 21.63
C HIS B 487 6.35 -20.30 23.11
N PRO B 488 7.34 -20.63 23.93
CA PRO B 488 7.06 -20.86 25.35
C PRO B 488 6.89 -19.54 26.08
N THR B 489 5.94 -19.49 27.03
CA THR B 489 5.81 -18.28 27.84
C THR B 489 6.90 -18.17 28.89
N ALA B 490 7.58 -19.27 29.21
CA ALA B 490 8.76 -19.19 30.06
C ALA B 490 9.71 -20.31 29.66
N LEU B 491 10.99 -20.09 29.94
CA LEU B 491 11.97 -21.17 29.84
C LEU B 491 12.23 -21.74 31.22
N TYR B 492 12.53 -23.02 31.27
CA TYR B 492 12.65 -23.74 32.53
C TYR B 492 14.07 -24.20 32.82
N ALA B 493 15.05 -23.73 32.06
CA ALA B 493 16.46 -23.99 32.33
C ALA B 493 17.23 -22.74 31.95
N PRO B 494 18.28 -22.40 32.69
CA PRO B 494 19.02 -21.15 32.41
C PRO B 494 19.60 -21.13 31.01
N VAL B 495 19.70 -19.92 30.47
CA VAL B 495 20.26 -19.70 29.13
C VAL B 495 21.68 -20.25 29.08
N PRO B 496 22.01 -21.11 28.11
CA PRO B 496 23.33 -21.74 28.11
C PRO B 496 24.46 -20.73 27.98
N THR B 497 25.61 -21.09 28.54
CA THR B 497 26.79 -20.24 28.51
C THR B 497 27.85 -20.71 27.50
N SER B 498 27.57 -21.78 26.75
CA SER B 498 28.51 -22.32 25.79
C SER B 498 27.75 -22.79 24.56
N LYS B 499 28.39 -22.69 23.39
CA LYS B 499 27.80 -23.25 22.18
C LYS B 499 28.06 -24.75 22.07
N ALA B 500 29.29 -25.18 22.37
CA ALA B 500 29.67 -26.57 22.18
C ALA B 500 29.37 -27.43 23.42
N ASN B 501 29.56 -26.87 24.61
CA ASN B 501 29.45 -27.62 25.85
C ASN B 501 28.06 -27.39 26.47
N THR B 502 27.06 -27.92 25.78
CA THR B 502 25.67 -27.81 26.22
C THR B 502 24.88 -28.97 25.64
N THR B 503 23.80 -29.34 26.31
CA THR B 503 23.02 -30.49 25.87
C THR B 503 22.25 -30.19 24.60
N ALA B 504 22.08 -31.23 23.78
CA ALA B 504 21.29 -31.10 22.55
C ALA B 504 19.80 -31.29 22.79
N ASP B 505 19.40 -31.94 23.89
CA ASP B 505 18.00 -32.07 24.23
C ASP B 505 17.48 -30.74 24.78
N LEU B 506 16.49 -30.16 24.12
CA LEU B 506 15.96 -28.87 24.51
C LEU B 506 14.74 -28.97 25.40
N LEU B 507 14.31 -30.18 25.77
CA LEU B 507 13.10 -30.34 26.57
C LEU B 507 13.24 -29.66 27.93
N GLY B 508 14.45 -29.63 28.49
CA GLY B 508 14.64 -28.97 29.77
C GLY B 508 14.36 -27.48 29.75
N TYR B 509 14.56 -26.83 28.61
CA TYR B 509 14.22 -25.41 28.52
C TYR B 509 12.72 -25.19 28.36
N LEU B 510 12.01 -26.18 27.87
CA LEU B 510 10.61 -26.02 27.51
C LEU B 510 9.70 -26.39 28.68
N PRO B 511 8.46 -25.89 28.67
CA PRO B 511 7.51 -26.32 29.70
C PRO B 511 7.32 -27.83 29.68
N SER B 512 7.04 -28.39 30.86
CA SER B 512 6.76 -29.81 31.00
C SER B 512 5.41 -30.12 30.36
N ALA B 513 4.96 -31.36 30.49
CA ALA B 513 3.64 -31.72 29.95
C ALA B 513 2.54 -30.93 30.64
N GLN B 514 2.60 -30.87 31.98
CA GLN B 514 1.59 -30.12 32.71
C GLN B 514 1.69 -28.62 32.45
N LYS B 515 2.91 -28.08 32.45
CA LYS B 515 3.06 -26.64 32.23
C LYS B 515 2.72 -26.24 30.80
N SER B 516 2.91 -27.14 29.83
CA SER B 516 2.48 -26.86 28.47
C SER B 516 0.96 -26.82 28.39
N VAL B 517 0.29 -27.79 29.03
CA VAL B 517 -1.18 -27.74 29.08
C VAL B 517 -1.63 -26.45 29.74
N ASP B 518 -0.94 -26.03 30.81
CA ASP B 518 -1.28 -24.76 31.45
C ASP B 518 -1.12 -23.59 30.49
N GLN B 519 -0.02 -23.55 29.75
CA GLN B 519 0.18 -22.47 28.78
C GLN B 519 -0.98 -22.38 27.82
N VAL B 520 -1.31 -23.50 27.17
CA VAL B 520 -2.34 -23.45 26.16
C VAL B 520 -3.69 -23.11 26.79
N THR B 521 -3.96 -23.61 28.00
CA THR B 521 -5.22 -23.30 28.67
C THR B 521 -5.33 -21.80 28.93
N LEU B 522 -4.24 -21.20 29.42
CA LEU B 522 -4.24 -19.76 29.67
C LEU B 522 -4.52 -18.98 28.40
N LEU B 523 -3.78 -19.29 27.32
CA LEU B 523 -3.96 -18.52 26.09
C LEU B 523 -5.33 -18.78 25.47
N ALA B 524 -5.83 -20.01 25.57
CA ALA B 524 -7.18 -20.31 25.10
C ALA B 524 -8.21 -19.45 25.81
N ARG B 525 -7.94 -19.10 27.08
CA ARG B 525 -8.92 -18.25 27.74
C ARG B 525 -8.91 -16.76 27.27
N PHE B 526 -8.13 -16.40 26.24
CA PHE B 526 -8.27 -15.10 25.60
C PHE B 526 -9.06 -15.17 24.31
N ASN B 527 -9.42 -16.38 23.88
CA ASN B 527 -10.30 -16.53 22.75
C ASN B 527 -11.74 -16.33 23.21
N ARG B 528 -12.56 -15.75 22.31
CA ARG B 528 -13.99 -15.57 22.57
C ARG B 528 -14.81 -16.06 21.38
N PRO B 529 -15.05 -17.37 21.29
CA PRO B 529 -15.77 -17.91 20.13
C PRO B 529 -17.21 -17.43 20.02
N ASP B 530 -17.85 -17.12 21.14
CA ASP B 530 -19.27 -16.79 21.08
C ASP B 530 -19.55 -15.45 20.43
N VAL B 531 -18.52 -14.66 20.09
CA VAL B 531 -18.78 -13.47 19.31
C VAL B 531 -19.29 -13.83 17.91
N VAL B 532 -19.05 -15.06 17.45
CA VAL B 532 -19.51 -15.41 16.10
C VAL B 532 -21.02 -15.66 16.12
N PRO B 533 -21.55 -16.57 16.95
CA PRO B 533 -23.02 -16.79 16.91
C PRO B 533 -23.83 -15.56 17.31
N THR B 534 -23.25 -14.64 18.09
CA THR B 534 -23.96 -13.45 18.54
C THR B 534 -23.70 -12.23 17.64
N ASN B 535 -23.05 -12.41 16.51
CA ASN B 535 -22.81 -11.33 15.55
C ASN B 535 -22.11 -10.15 16.20
N GLN B 536 -21.10 -10.43 17.01
CA GLN B 536 -20.33 -9.39 17.70
C GLN B 536 -18.93 -9.26 17.12
N THR B 537 -18.79 -9.57 15.84
CA THR B 537 -17.51 -9.55 15.17
C THR B 537 -17.26 -8.21 14.50
N LEU B 538 -16.02 -8.01 14.04
CA LEU B 538 -15.67 -6.80 13.28
C LEU B 538 -16.67 -6.53 12.16
N ARG B 539 -17.10 -7.59 11.46
CA ARG B 539 -18.06 -7.44 10.36
C ARG B 539 -19.31 -6.69 10.77
N TYR B 540 -19.74 -6.86 12.03
CA TYR B 540 -20.98 -6.28 12.52
C TYR B 540 -20.71 -5.08 13.44
N MET B 541 -19.50 -4.50 13.36
CA MET B 541 -19.09 -3.40 14.23
C MET B 541 -20.11 -2.27 14.27
N PHE B 542 -20.68 -1.91 13.12
CA PHE B 542 -21.58 -0.77 13.03
C PHE B 542 -23.04 -1.14 12.91
N ALA B 543 -23.36 -2.44 13.01
CA ALA B 543 -24.73 -2.90 12.90
C ALA B 543 -25.46 -2.92 14.24
N ALA B 544 -25.08 -2.03 15.16
CA ALA B 544 -25.76 -1.98 16.46
C ALA B 544 -27.20 -1.52 16.27
N PRO B 545 -28.17 -2.20 16.86
CA PRO B 545 -29.57 -1.77 16.70
C PRO B 545 -29.83 -0.33 17.07
N GLN B 546 -29.29 0.17 18.19
CA GLN B 546 -29.54 1.58 18.54
C GLN B 546 -28.86 2.53 17.55
N LEU B 547 -27.70 2.16 17.00
CA LEU B 547 -27.05 3.03 16.03
C LEU B 547 -27.82 2.97 14.73
N LEU B 548 -28.18 1.74 14.33
CA LEU B 548 -29.18 1.69 13.32
C LEU B 548 -30.34 2.62 13.71
N LEU B 549 -30.99 2.42 14.82
CA LEU B 549 -32.29 3.15 14.82
C LEU B 549 -32.15 4.66 15.00
N GLY B 550 -31.03 5.14 15.54
CA GLY B 550 -30.90 6.56 15.86
C GLY B 550 -30.28 7.44 14.78
N ASN B 551 -29.71 6.83 13.76
CA ASN B 551 -29.25 7.54 12.59
C ASN B 551 -30.21 7.28 11.44
N GLY B 552 -29.96 7.95 10.32
CA GLY B 552 -30.82 7.91 9.17
C GLY B 552 -30.40 6.89 8.13
N GLU B 553 -30.95 7.05 6.92
CA GLU B 553 -30.82 6.02 5.90
C GLU B 553 -29.40 5.93 5.34
N ALA B 554 -28.67 7.04 5.29
CA ALA B 554 -27.28 6.98 4.84
C ALA B 554 -26.46 6.04 5.71
N TYR B 555 -26.72 6.05 7.02
CA TYR B 555 -26.08 5.13 7.94
C TYR B 555 -26.39 3.69 7.55
N ARG B 556 -27.67 3.41 7.24
CA ARG B 556 -28.11 2.05 6.90
C ARG B 556 -27.38 1.55 5.73
N ARG B 557 -27.29 2.40 4.72
CA ARG B 557 -26.68 2.00 3.47
C ARG B 557 -25.19 1.79 3.64
N ALA B 558 -24.51 2.72 4.32
CA ALA B 558 -23.08 2.51 4.58
C ALA B 558 -22.85 1.24 5.37
N ASN B 559 -23.73 0.94 6.34
CA ASN B 559 -23.55 -0.28 7.12
C ASN B 559 -23.74 -1.52 6.27
N GLN B 560 -24.77 -1.51 5.40
CA GLN B 560 -24.97 -2.62 4.47
C GLN B 560 -23.72 -2.86 3.62
N ARG B 561 -23.12 -1.78 3.11
CA ARG B 561 -21.91 -1.94 2.28
C ARG B 561 -20.75 -2.46 3.11
N PHE B 562 -20.59 -1.95 4.34
CA PHE B 562 -19.52 -2.39 5.21
C PHE B 562 -19.66 -3.88 5.57
N VAL B 563 -20.88 -4.32 5.87
CA VAL B 563 -21.10 -5.71 6.25
C VAL B 563 -20.89 -6.63 5.05
N ARG B 564 -21.29 -6.19 3.86
CA ARG B 564 -21.01 -6.93 2.64
C ARG B 564 -19.50 -7.09 2.43
N ALA B 565 -18.76 -5.98 2.54
CA ALA B 565 -17.34 -6.00 2.27
C ALA B 565 -16.57 -6.85 3.28
N MET B 566 -16.86 -6.64 4.57
CA MET B 566 -16.21 -7.46 5.60
C MET B 566 -16.58 -8.92 5.44
N GLY B 567 -17.81 -9.19 4.98
CA GLY B 567 -18.19 -10.56 4.70
C GLY B 567 -17.32 -11.20 3.63
N ARG B 568 -17.09 -10.46 2.52
CA ARG B 568 -16.27 -10.98 1.43
C ARG B 568 -14.82 -11.19 1.87
N ILE B 569 -14.27 -10.24 2.64
CA ILE B 569 -12.93 -10.39 3.18
C ILE B 569 -12.85 -11.62 4.08
N SER B 570 -13.87 -11.83 4.92
CA SER B 570 -13.89 -13.01 5.78
C SER B 570 -13.92 -14.28 4.95
N ASP B 571 -14.73 -14.31 3.89
CA ASP B 571 -14.75 -15.48 3.02
C ASP B 571 -13.36 -15.76 2.45
N GLU B 572 -12.65 -14.70 2.04
CA GLU B 572 -11.31 -14.89 1.49
C GLU B 572 -10.37 -15.47 2.54
N VAL B 573 -10.37 -14.89 3.74
CA VAL B 573 -9.46 -15.35 4.78
C VAL B 573 -9.76 -16.80 5.16
N LYS B 574 -11.03 -17.15 5.30
CA LYS B 574 -11.38 -18.54 5.60
C LYS B 574 -10.90 -19.50 4.52
N ALA B 575 -10.83 -19.05 3.27
CA ALA B 575 -10.48 -19.92 2.15
C ALA B 575 -8.98 -20.02 1.89
N ARG B 576 -8.14 -19.38 2.70
CA ARG B 576 -6.71 -19.39 2.43
C ARG B 576 -6.14 -20.82 2.45
N ARG B 577 -5.27 -21.09 1.48
CA ARG B 577 -4.66 -22.39 1.26
C ARG B 577 -3.17 -22.19 1.03
N PHE B 578 -2.41 -23.28 1.20
CA PHE B 578 -1.01 -23.26 0.83
C PHE B 578 -0.88 -23.37 -0.68
N ASP B 579 0.12 -22.70 -1.23
CA ASP B 579 0.38 -22.76 -2.66
C ASP B 579 1.38 -23.89 -2.93
N ASP B 580 1.92 -23.94 -4.16
CA ASP B 580 2.76 -25.06 -4.57
C ASP B 580 4.03 -25.16 -3.74
N ARG B 581 4.52 -24.04 -3.22
CA ARG B 581 5.70 -24.04 -2.36
C ARG B 581 5.36 -24.08 -0.88
N GLY B 582 4.12 -24.41 -0.53
CA GLY B 582 3.74 -24.54 0.86
C GLY B 582 3.64 -23.24 1.60
N LEU B 583 3.29 -22.15 0.90
CA LEU B 583 3.27 -20.82 1.48
C LEU B 583 1.89 -20.19 1.36
N SER B 584 1.59 -19.29 2.29
CA SER B 584 0.37 -18.51 2.31
C SER B 584 0.75 -17.11 2.71
N GLN B 585 0.50 -16.13 1.83
CA GLN B 585 1.02 -14.78 2.01
C GLN B 585 2.53 -14.82 2.25
N GLY B 586 3.19 -15.73 1.52
CA GLY B 586 4.62 -15.88 1.66
C GLY B 586 5.07 -16.52 2.97
N MET B 587 4.16 -17.12 3.74
CA MET B 587 4.57 -17.72 5.01
C MET B 587 4.20 -19.19 5.06
N PRO B 588 5.01 -20.02 5.77
CA PRO B 588 4.68 -21.43 5.92
C PRO B 588 3.55 -21.73 6.90
N PHE B 589 2.70 -20.76 7.22
CA PHE B 589 1.46 -21.06 7.93
C PHE B 589 0.36 -20.14 7.44
N ILE B 590 -0.87 -20.53 7.74
CA ILE B 590 -2.07 -19.88 7.24
C ILE B 590 -2.55 -18.91 8.31
N TRP B 591 -2.44 -17.61 8.02
CA TRP B 591 -2.67 -16.57 9.01
C TRP B 591 -4.06 -15.98 8.82
N GLN B 592 -4.91 -16.16 9.84
CA GLN B 592 -6.31 -15.76 9.79
C GLN B 592 -6.67 -14.83 10.95
N ALA B 593 -5.68 -14.20 11.58
CA ALA B 593 -5.92 -13.36 12.74
C ALA B 593 -6.80 -12.15 12.44
N LEU B 594 -6.87 -11.71 11.18
CA LEU B 594 -7.67 -10.56 10.79
C LEU B 594 -8.86 -10.97 9.94
N ASP B 595 -9.50 -12.09 10.31
CA ASP B 595 -10.75 -12.51 9.71
C ASP B 595 -11.88 -11.70 10.33
N PRO B 596 -12.51 -10.79 9.57
CA PRO B 596 -13.56 -9.94 10.15
C PRO B 596 -14.78 -10.70 10.63
N GLY B 597 -14.96 -11.94 10.19
CA GLY B 597 -16.07 -12.75 10.66
C GLY B 597 -15.80 -13.55 11.90
N ASN B 598 -14.55 -13.54 12.39
CA ASN B 598 -14.15 -14.36 13.53
C ASN B 598 -13.64 -13.58 14.74
N ILE B 599 -13.33 -12.29 14.60
CA ILE B 599 -12.71 -11.54 15.68
C ILE B 599 -13.73 -10.53 16.18
N PRO B 600 -13.68 -10.13 17.46
CA PRO B 600 -14.67 -9.17 17.97
C PRO B 600 -14.53 -7.80 17.32
N PHE B 601 -15.57 -7.00 17.44
CA PHE B 601 -15.43 -5.59 17.09
C PHE B 601 -14.89 -4.76 18.25
N TYR B 602 -14.69 -5.35 19.42
CA TYR B 602 -14.41 -4.59 20.63
C TYR B 602 -13.25 -5.22 21.38
N LEU B 603 -12.79 -4.50 22.41
CA LEU B 603 -11.68 -4.89 23.27
C LEU B 603 -12.16 -5.95 24.26
N SER B 604 -12.34 -7.18 23.77
CA SER B 604 -13.13 -8.17 24.51
C SER B 604 -12.39 -8.78 25.70
N VAL B 605 -11.06 -8.86 25.64
CA VAL B 605 -10.27 -9.45 26.72
C VAL B 605 -8.95 -8.73 26.87
C1 NAG C . 15.15 -12.86 -18.41
C2 NAG C . 15.37 -14.14 -17.57
C3 NAG C . 16.60 -13.98 -16.67
C4 NAG C . 17.81 -13.43 -17.42
C5 NAG C . 17.39 -12.20 -18.21
C6 NAG C . 18.50 -11.54 -18.99
C7 NAG C . 13.34 -15.43 -17.05
C8 NAG C . 12.20 -15.59 -16.10
N2 NAG C . 14.19 -14.44 -16.77
O3 NAG C . 16.85 -15.25 -16.06
O4 NAG C . 18.82 -12.99 -16.52
O5 NAG C . 16.34 -12.55 -19.12
O6 NAG C . 18.90 -10.31 -18.37
O7 NAG C . 13.47 -16.15 -18.04
C1 NAG C . 19.62 -13.96 -15.81
C2 NAG C . 20.83 -13.23 -15.24
C3 NAG C . 21.65 -14.18 -14.35
C4 NAG C . 20.76 -14.82 -13.29
C5 NAG C . 19.59 -15.52 -13.98
C6 NAG C . 18.60 -16.13 -13.02
C7 NAG C . 21.76 -11.36 -16.54
C8 NAG C . 22.68 -10.98 -17.66
N2 NAG C . 21.67 -12.67 -16.29
O3 NAG C . 22.70 -13.45 -13.72
O4 NAG C . 21.50 -15.77 -12.53
O5 NAG C . 18.87 -14.57 -14.78
O6 NAG C . 17.61 -16.89 -13.71
O7 NAG C . 21.13 -10.53 -15.90
C1 NAG D . 3.66 -25.98 5.92
C2 NAG D . 4.40 -26.39 4.62
C3 NAG D . 3.42 -26.89 3.58
C4 NAG D . 2.56 -28.01 4.14
C5 NAG D . 1.88 -27.60 5.42
C6 NAG D . 1.17 -28.76 6.10
C7 NAG D . 6.52 -25.21 4.23
C8 NAG D . 7.19 -24.03 3.62
N2 NAG D . 5.19 -25.28 4.10
O3 NAG D . 4.13 -27.38 2.45
O4 NAG D . 1.55 -28.34 3.17
O5 NAG D . 2.84 -27.11 6.38
O6 NAG D . 0.98 -28.53 7.49
O7 NAG D . 7.16 -26.09 4.85
C1 NAG D . 1.55 -29.74 2.83
C2 NAG D . 0.14 -30.07 2.35
C3 NAG D . 0.05 -31.53 1.89
C4 NAG D . 1.12 -31.83 0.86
C5 NAG D . 2.50 -31.47 1.43
C6 NAG D . 3.62 -31.66 0.45
C7 NAG D . -1.81 -28.88 3.24
C8 NAG D . -2.74 -28.73 4.42
N2 NAG D . -0.85 -29.80 3.37
O3 NAG D . -1.25 -31.74 1.34
O4 NAG D . 1.11 -33.20 0.48
O5 NAG D . 2.50 -30.08 1.82
O6 NAG D . 3.64 -30.63 -0.54
O7 NAG D . -1.92 -28.20 2.23
MN MN E . 3.94 12.75 -23.80
C1 NAG F . 23.69 18.18 -10.87
C2 NAG F . 24.77 19.22 -11.06
C3 NAG F . 26.02 18.80 -10.27
C4 NAG F . 25.68 18.61 -8.79
C5 NAG F . 24.48 17.67 -8.64
C6 NAG F . 23.92 17.71 -7.24
C7 NAG F . 24.44 20.38 -13.19
C8 NAG F . 24.89 20.50 -14.60
N2 NAG F . 25.05 19.42 -12.47
O3 NAG F . 27.08 19.74 -10.42
O4 NAG F . 26.79 18.07 -8.07
O5 NAG F . 23.38 18.06 -9.47
O6 NAG F . 23.26 16.52 -6.84
O7 NAG F . 23.51 21.07 -12.73
C1 NAG G . 4.27 47.50 -8.40
C2 NAG G . 5.77 47.79 -8.48
C3 NAG G . 6.11 48.37 -9.84
C4 NAG G . 5.71 47.38 -10.92
C5 NAG G . 4.26 46.92 -10.77
C6 NAG G . 3.91 45.76 -11.68
C7 NAG G . 7.10 48.29 -6.47
C8 NAG G . 7.46 49.31 -5.44
N2 NAG G . 6.22 48.68 -7.40
O3 NAG G . 7.51 48.66 -9.93
O4 NAG G . 5.90 47.96 -12.20
O5 NAG G . 3.94 46.51 -9.42
O6 NAG G . 4.82 44.68 -11.51
O7 NAG G . 7.59 47.17 -6.47
MN MN H . -6.54 -7.40 25.31
C1 NAG I . -26.32 -12.45 12.30
C2 NAG I . -27.80 -12.76 12.48
C3 NAG I . -28.35 -13.52 11.27
C4 NAG I . -27.99 -12.81 9.97
C5 NAG I . -26.48 -12.57 9.92
C6 NAG I . -26.04 -11.78 8.71
C7 NAG I . -28.10 -12.95 14.92
C8 NAG I . -28.33 -13.89 16.06
N2 NAG I . -28.03 -13.52 13.70
O3 NAG I . -29.76 -13.63 11.39
O4 NAG I . -28.37 -13.62 8.86
O5 NAG I . -26.11 -11.78 11.06
O6 NAG I . -24.70 -11.32 8.86
O7 NAG I . -27.99 -11.74 15.07
C1 NAG J . 5.46 5.91 37.96
C2 NAG J . 6.29 4.93 38.80
C3 NAG J . 6.78 5.59 40.09
C4 NAG J . 7.50 6.89 39.78
C5 NAG J . 6.59 7.81 38.99
C6 NAG J . 7.25 9.10 38.57
C7 NAG J . 5.60 2.60 38.42
C8 NAG J . 4.73 1.48 38.90
N2 NAG J . 5.51 3.75 39.11
O3 NAG J . 7.65 4.71 40.78
O4 NAG J . 7.88 7.55 40.99
O5 NAG J . 6.19 7.15 37.78
O6 NAG J . 7.16 9.31 37.18
O7 NAG J . 6.36 2.47 37.46
#